data_9DEO
#
_entry.id   9DEO
#
_cell.length_a   75.195
_cell.length_b   69.510
_cell.length_c   77.309
_cell.angle_alpha   90.00
_cell.angle_beta   92.36
_cell.angle_gamma   90.00
#
_symmetry.space_group_name_H-M   'P 1 21 1'
#
loop_
_entity.id
_entity.type
_entity.pdbx_description
1 polymer 'Ubiquitin carboxyl-terminal hydrolase 7'
2 polymer 'Macrocycle peptide  MC08'
3 non-polymer 'SULFATE ION'
4 water water
#
loop_
_entity_poly.entity_id
_entity_poly.type
_entity_poly.pdbx_seq_one_letter_code
_entity_poly.pdbx_strand_id
1 'polypeptide(L)'
;MGSSHHHHHHSSGLVPRGSHMKKHTGYVGLKNQGATCYMNSLLQTLFFTNQLRKAVYMMPTEGDDSSKSVPLALQRVFYE
LQHSDKPVGTKKLTKSFGWETLDSFMQHDVQELCRVLLDNVENKMKGTCVEGTIPKLFRGKMVSYIQCKEVDYRSDRRED
YYDIQLSIKGKKNIFESFVDYVAVEQLDGDNKYDAGEHGLQEAEKGVKFLTLPPVLHLQLMRFMYDPQTDQNIKINDRFE
FPEQLPLDEFLQKTDPKDPANYILHAVLVHSGDNHGGHYVVYLNPKGDGKWCKFDDDVVSRCTKEEAIEHNYGGHDDDLS
VRHCTNAYMLVYIRESKLSEVLQAVTDHDIPQQLVERLQEEKRIEAQK
;
A,B
2 'polypeptide(L)' (ACE)FRVNAGPPRC C,D
#
# COMPACT_ATOMS: atom_id res chain seq x y z
N HIS A 24 11.46 -18.87 -17.74
CA HIS A 24 10.24 -19.52 -18.19
C HIS A 24 9.04 -18.60 -18.07
N THR A 25 8.67 -18.29 -16.83
CA THR A 25 7.55 -17.40 -16.53
C THR A 25 7.84 -16.40 -15.43
N GLY A 26 9.05 -16.38 -14.88
CA GLY A 26 9.38 -15.50 -13.78
C GLY A 26 8.83 -15.95 -12.44
N TYR A 27 8.14 -17.09 -12.39
CA TYR A 27 7.60 -17.65 -11.17
C TYR A 27 8.16 -19.06 -11.01
N VAL A 28 8.48 -19.42 -9.77
CA VAL A 28 9.04 -20.74 -9.48
C VAL A 28 8.00 -21.57 -8.75
N GLY A 29 8.11 -22.89 -8.89
CA GLY A 29 7.17 -23.81 -8.29
C GLY A 29 7.66 -24.37 -6.97
N LEU A 30 6.87 -25.30 -6.43
CA LEU A 30 7.15 -25.94 -5.16
C LEU A 30 7.32 -27.44 -5.37
N LYS A 31 8.29 -28.03 -4.67
CA LYS A 31 8.60 -29.44 -4.85
C LYS A 31 7.53 -30.30 -4.18
N ASN A 32 7.18 -31.40 -4.84
CA ASN A 32 6.26 -32.39 -4.28
C ASN A 32 7.09 -33.41 -3.49
N GLN A 33 6.96 -33.37 -2.16
CA GLN A 33 7.78 -34.20 -1.28
C GLN A 33 6.96 -35.14 -0.42
N GLY A 34 5.64 -35.15 -0.59
CA GLY A 34 4.78 -35.99 0.21
C GLY A 34 3.33 -35.65 -0.04
N ALA A 35 2.46 -36.21 0.81
CA ALA A 35 1.03 -36.02 0.67
C ALA A 35 0.59 -34.69 1.26
N THR A 36 1.21 -33.61 0.78
CA THR A 36 0.82 -32.26 1.21
C THR A 36 -0.51 -31.83 0.60
N CYS A 37 -0.93 -32.48 -0.49
CA CYS A 37 -2.22 -32.22 -1.13
C CYS A 37 -2.36 -30.76 -1.52
N TYR A 38 -3.30 -30.06 -0.88
CA TYR A 38 -3.62 -28.68 -1.21
C TYR A 38 -2.54 -27.69 -0.79
N MET A 39 -1.61 -28.11 0.07
CA MET A 39 -0.69 -27.17 0.70
C MET A 39 0.04 -26.33 -0.32
N ASN A 40 0.66 -26.98 -1.31
CA ASN A 40 1.39 -26.24 -2.33
C ASN A 40 0.47 -25.22 -3.00
N SER A 41 -0.72 -25.66 -3.39
CA SER A 41 -1.67 -24.75 -4.02
C SER A 41 -1.95 -23.56 -3.11
N LEU A 42 -2.12 -23.82 -1.81
CA LEU A 42 -2.36 -22.71 -0.89
C LEU A 42 -1.17 -21.76 -0.83
N LEU A 43 0.04 -22.32 -0.78
CA LEU A 43 1.22 -21.49 -0.58
C LEU A 43 1.37 -20.44 -1.67
N GLN A 44 1.22 -20.87 -2.93
CA GLN A 44 1.30 -19.92 -4.04
C GLN A 44 0.25 -18.83 -3.88
N THR A 45 -0.97 -19.23 -3.51
CA THR A 45 -2.04 -18.26 -3.29
C THR A 45 -1.64 -17.27 -2.21
N LEU A 46 -1.00 -17.75 -1.14
CA LEU A 46 -0.54 -16.85 -0.10
C LEU A 46 0.68 -16.05 -0.56
N PHE A 47 1.52 -16.65 -1.41
CA PHE A 47 2.73 -15.96 -1.84
C PHE A 47 2.40 -14.73 -2.68
N PHE A 48 1.39 -14.83 -3.55
CA PHE A 48 1.01 -13.73 -4.41
C PHE A 48 0.00 -12.78 -3.76
N THR A 49 -0.29 -12.97 -2.47
CA THR A 49 -0.95 -11.94 -1.66
C THR A 49 0.15 -11.01 -1.17
N ASN A 50 0.53 -10.08 -2.05
CA ASN A 50 1.78 -9.35 -1.90
C ASN A 50 1.84 -8.57 -0.58
N GLN A 51 0.73 -7.96 -0.18
CA GLN A 51 0.70 -7.27 1.10
C GLN A 51 0.98 -8.22 2.25
N LEU A 52 0.38 -9.42 2.20
CA LEU A 52 0.65 -10.42 3.23
C LEU A 52 2.11 -10.87 3.20
N ARG A 53 2.69 -11.00 2.01
CA ARG A 53 4.09 -11.42 1.90
C ARG A 53 5.03 -10.39 2.52
N LYS A 54 4.81 -9.11 2.18
CA LYS A 54 5.62 -8.05 2.76
C LYS A 54 5.41 -7.97 4.28
N ALA A 55 4.20 -8.24 4.75
CA ALA A 55 3.95 -8.29 6.19
C ALA A 55 4.72 -9.43 6.84
N VAL A 56 4.75 -10.59 6.18
CA VAL A 56 5.45 -11.76 6.73
C VAL A 56 6.94 -11.49 6.81
N TYR A 57 7.49 -10.77 5.83
CA TYR A 57 8.94 -10.54 5.80
C TYR A 57 9.43 -9.75 7.01
N MET A 58 8.56 -8.93 7.62
CA MET A 58 8.97 -8.01 8.68
C MET A 58 8.70 -8.54 10.08
N MET A 59 8.38 -9.82 10.21
CA MET A 59 8.08 -10.36 11.54
C MET A 59 9.36 -10.55 12.33
N PRO A 60 9.41 -10.11 13.60
CA PRO A 60 10.65 -10.23 14.38
C PRO A 60 10.96 -11.67 14.77
N THR A 61 11.47 -12.45 13.81
CA THR A 61 11.77 -13.85 14.02
C THR A 61 13.26 -14.10 14.29
N GLU A 62 14.01 -13.06 14.64
CA GLU A 62 15.46 -13.20 14.79
C GLU A 62 15.82 -14.20 15.88
N GLY A 63 15.12 -14.16 17.01
CA GLY A 63 15.38 -15.05 18.11
C GLY A 63 14.69 -16.39 18.03
N ASP A 64 13.88 -16.62 17.01
CA ASP A 64 13.08 -17.84 16.91
C ASP A 64 13.97 -19.05 16.59
N ASP A 65 13.44 -20.23 16.94
CA ASP A 65 14.09 -21.49 16.59
C ASP A 65 13.79 -21.81 15.14
N SER A 66 14.84 -22.17 14.38
CA SER A 66 14.67 -22.35 12.94
C SER A 66 13.72 -23.50 12.63
N SER A 67 13.84 -24.62 13.36
CA SER A 67 13.04 -25.80 13.10
C SER A 67 11.75 -25.85 13.93
N LYS A 68 11.45 -24.80 14.69
CA LYS A 68 10.25 -24.78 15.50
C LYS A 68 9.33 -23.58 15.27
N SER A 69 9.76 -22.58 14.49
CA SER A 69 8.99 -21.37 14.27
C SER A 69 8.27 -21.47 12.93
N VAL A 70 6.94 -21.49 12.96
CA VAL A 70 6.15 -21.44 11.73
C VAL A 70 6.40 -20.14 10.96
N PRO A 71 6.38 -18.95 11.59
CA PRO A 71 6.67 -17.74 10.81
C PRO A 71 8.03 -17.74 10.15
N LEU A 72 9.05 -18.29 10.82
CA LEU A 72 10.38 -18.38 10.21
C LEU A 72 10.34 -19.29 8.98
N ALA A 73 9.63 -20.40 9.07
CA ALA A 73 9.48 -21.29 7.93
C ALA A 73 8.76 -20.59 6.77
N LEU A 74 7.72 -19.81 7.09
CA LEU A 74 7.00 -19.10 6.03
C LEU A 74 7.88 -18.05 5.38
N GLN A 75 8.69 -17.34 6.17
CA GLN A 75 9.64 -16.39 5.59
C GLN A 75 10.62 -17.09 4.68
N ARG A 76 11.12 -18.26 5.11
CA ARG A 76 12.03 -19.03 4.26
C ARG A 76 11.37 -19.42 2.94
N VAL A 77 10.13 -19.91 3.01
CA VAL A 77 9.44 -20.36 1.81
C VAL A 77 9.17 -19.19 0.86
N PHE A 78 8.72 -18.06 1.40
CA PHE A 78 8.46 -16.91 0.53
C PHE A 78 9.74 -16.39 -0.11
N TYR A 79 10.83 -16.33 0.66
CA TYR A 79 12.10 -15.89 0.09
C TYR A 79 12.56 -16.83 -1.01
N GLU A 80 12.44 -18.14 -0.80
CA GLU A 80 12.81 -19.09 -1.83
C GLU A 80 11.94 -18.96 -3.07
N LEU A 81 10.63 -18.76 -2.88
CA LEU A 81 9.75 -18.59 -4.03
C LEU A 81 10.06 -17.32 -4.80
N GLN A 82 10.56 -16.28 -4.11
CA GLN A 82 10.84 -15.03 -4.79
C GLN A 82 12.19 -15.02 -5.48
N HIS A 83 13.19 -15.69 -4.90
CA HIS A 83 14.56 -15.63 -5.41
C HIS A 83 15.03 -16.89 -6.11
N SER A 84 14.71 -18.08 -5.59
CA SER A 84 15.29 -19.30 -6.13
C SER A 84 14.83 -19.56 -7.56
N ASP A 85 15.71 -20.15 -8.35
CA ASP A 85 15.40 -20.57 -9.71
C ASP A 85 14.99 -22.04 -9.81
N LYS A 86 15.23 -22.82 -8.76
CA LYS A 86 14.90 -24.23 -8.69
C LYS A 86 13.65 -24.43 -7.84
N PRO A 87 12.94 -25.54 -8.00
CA PRO A 87 11.72 -25.77 -7.22
C PRO A 87 12.00 -25.72 -5.72
N VAL A 88 11.04 -25.19 -4.97
CA VAL A 88 11.19 -24.92 -3.55
C VAL A 88 10.64 -26.09 -2.74
N GLY A 89 11.32 -26.42 -1.63
CA GLY A 89 10.88 -27.47 -0.75
C GLY A 89 10.18 -26.92 0.48
N THR A 90 9.41 -27.78 1.14
CA THR A 90 8.56 -27.36 2.26
C THR A 90 8.68 -28.29 3.47
N LYS A 91 9.77 -29.05 3.57
CA LYS A 91 9.94 -29.94 4.70
C LYS A 91 10.03 -29.17 6.01
N LYS A 92 10.76 -28.05 6.01
CA LYS A 92 10.88 -27.24 7.21
C LYS A 92 9.52 -26.68 7.63
N LEU A 93 8.72 -26.24 6.66
CA LEU A 93 7.39 -25.72 6.98
C LEU A 93 6.50 -26.81 7.56
N THR A 94 6.45 -27.97 6.90
CA THR A 94 5.59 -29.06 7.38
C THR A 94 6.00 -29.51 8.77
N LYS A 95 7.31 -29.54 9.05
CA LYS A 95 7.74 -29.84 10.40
C LYS A 95 7.38 -28.72 11.37
N SER A 96 7.34 -27.47 10.89
CA SER A 96 7.09 -26.34 11.78
C SER A 96 5.70 -26.38 12.39
N PHE A 97 4.68 -26.72 11.61
CA PHE A 97 3.31 -26.81 12.15
C PHE A 97 2.89 -28.24 12.46
N GLY A 98 3.82 -29.19 12.44
CA GLY A 98 3.57 -30.50 13.04
C GLY A 98 2.46 -31.32 12.42
N TRP A 99 2.40 -31.37 11.09
CA TRP A 99 1.47 -32.28 10.39
C TRP A 99 2.32 -33.38 9.77
N GLU A 100 2.57 -34.43 10.56
CA GLU A 100 3.37 -35.56 10.13
C GLU A 100 2.65 -36.90 10.18
N THR A 101 1.46 -36.96 10.78
CA THR A 101 0.74 -38.24 10.81
C THR A 101 0.17 -38.54 9.43
N LEU A 102 -0.09 -39.84 9.21
CA LEU A 102 -0.41 -40.31 7.86
C LEU A 102 -1.65 -39.63 7.27
N ASP A 103 -2.68 -39.45 8.09
CA ASP A 103 -3.93 -38.86 7.63
C ASP A 103 -4.00 -37.34 7.85
N SER A 104 -2.90 -36.70 8.26
CA SER A 104 -2.94 -35.29 8.64
C SER A 104 -3.50 -34.41 7.54
N PHE A 105 -2.95 -34.50 6.32
CA PHE A 105 -3.47 -33.66 5.25
C PHE A 105 -4.81 -34.18 4.75
N MET A 106 -5.05 -35.49 4.83
CA MET A 106 -6.34 -36.03 4.41
C MET A 106 -7.43 -35.75 5.43
N GLN A 107 -7.05 -35.60 6.71
CA GLN A 107 -8.04 -35.36 7.77
C GLN A 107 -8.52 -33.91 7.79
N HIS A 108 -7.75 -32.98 7.22
CA HIS A 108 -8.06 -31.56 7.28
C HIS A 108 -8.42 -31.03 5.92
N ASP A 109 -8.95 -29.81 5.91
CA ASP A 109 -9.29 -29.09 4.70
C ASP A 109 -8.36 -27.89 4.54
N VAL A 110 -8.47 -27.23 3.38
CA VAL A 110 -7.59 -26.10 3.10
C VAL A 110 -7.86 -24.94 4.05
N GLN A 111 -9.13 -24.74 4.43
CA GLN A 111 -9.46 -23.68 5.37
C GLN A 111 -8.72 -23.86 6.69
N GLU A 112 -8.62 -25.11 7.17
CA GLU A 112 -8.01 -25.35 8.47
C GLU A 112 -6.49 -25.14 8.43
N LEU A 113 -5.84 -25.57 7.35
CA LEU A 113 -4.41 -25.30 7.20
C LEU A 113 -4.15 -23.81 7.05
N CYS A 114 -4.98 -23.12 6.27
CA CYS A 114 -4.82 -21.67 6.13
C CYS A 114 -5.02 -20.97 7.46
N ARG A 115 -5.99 -21.43 8.25
CA ARG A 115 -6.21 -20.87 9.58
C ARG A 115 -5.00 -21.12 10.48
N VAL A 116 -4.41 -22.31 10.41
CA VAL A 116 -3.23 -22.60 11.23
C VAL A 116 -2.11 -21.63 10.87
N LEU A 117 -1.81 -21.50 9.57
CA LEU A 117 -0.71 -20.64 9.15
C LEU A 117 -0.98 -19.18 9.53
N LEU A 118 -2.18 -18.69 9.22
CA LEU A 118 -2.48 -17.27 9.44
C LEU A 118 -2.63 -16.95 10.93
N ASP A 119 -3.13 -17.89 11.73
CA ASP A 119 -3.17 -17.68 13.18
C ASP A 119 -1.78 -17.61 13.77
N ASN A 120 -0.88 -18.50 13.33
CA ASN A 120 0.51 -18.40 13.79
C ASN A 120 1.11 -17.05 13.41
N VAL A 121 0.89 -16.63 12.16
CA VAL A 121 1.46 -15.36 11.69
C VAL A 121 0.89 -14.19 12.48
N GLU A 122 -0.43 -14.16 12.65
CA GLU A 122 -1.08 -13.06 13.36
C GLU A 122 -0.63 -13.00 14.82
N ASN A 123 -0.52 -14.16 15.48
CA ASN A 123 -0.06 -14.19 16.86
C ASN A 123 1.37 -13.70 16.97
N LYS A 124 2.24 -14.10 16.03
CA LYS A 124 3.61 -13.62 16.06
C LYS A 124 3.67 -12.11 15.78
N MET A 125 2.72 -11.60 15.01
CA MET A 125 2.66 -10.16 14.74
C MET A 125 2.09 -9.35 15.89
N LYS A 126 1.51 -10.01 16.90
CA LYS A 126 0.98 -9.28 18.05
C LYS A 126 2.09 -8.54 18.77
N GLY A 127 1.85 -7.26 19.08
CA GLY A 127 2.86 -6.45 19.71
C GLY A 127 3.98 -6.03 18.79
N THR A 128 3.73 -5.98 17.49
CA THR A 128 4.74 -5.60 16.50
C THR A 128 4.20 -4.45 15.64
N CYS A 129 5.07 -3.94 14.77
CA CYS A 129 4.71 -2.84 13.88
C CYS A 129 3.84 -3.28 12.70
N VAL A 130 3.68 -4.58 12.49
CA VAL A 130 2.90 -5.10 11.38
C VAL A 130 1.64 -5.81 11.88
N GLU A 131 1.23 -5.48 13.11
CA GLU A 131 0.05 -6.08 13.72
C GLU A 131 -1.22 -5.71 12.94
N GLY A 132 -2.16 -6.65 12.89
CA GLY A 132 -3.46 -6.42 12.28
C GLY A 132 -3.55 -6.65 10.78
N THR A 133 -2.47 -7.12 10.14
CA THR A 133 -2.51 -7.34 8.70
C THR A 133 -3.53 -8.42 8.32
N ILE A 134 -3.51 -9.54 9.06
CA ILE A 134 -4.44 -10.63 8.75
C ILE A 134 -5.89 -10.20 8.85
N PRO A 135 -6.35 -9.56 9.92
CA PRO A 135 -7.75 -9.07 9.93
C PRO A 135 -8.02 -8.04 8.84
N LYS A 136 -7.05 -7.18 8.54
CA LYS A 136 -7.26 -6.15 7.52
C LYS A 136 -7.42 -6.76 6.13
N LEU A 137 -6.83 -7.92 5.89
CA LEU A 137 -6.90 -8.54 4.57
C LEU A 137 -8.00 -9.59 4.43
N PHE A 138 -8.30 -10.35 5.48
CA PHE A 138 -9.16 -11.52 5.35
C PHE A 138 -10.40 -11.50 6.23
N ARG A 139 -10.51 -10.57 7.19
CA ARG A 139 -11.63 -10.57 8.12
C ARG A 139 -12.82 -9.79 7.54
N GLY A 140 -14.01 -10.37 7.67
CA GLY A 140 -15.23 -9.66 7.38
C GLY A 140 -16.21 -9.82 8.54
N LYS A 141 -17.22 -8.96 8.51
CA LYS A 141 -18.22 -8.88 9.58
C LYS A 141 -19.54 -9.45 9.09
N MET A 142 -20.20 -10.21 9.95
CA MET A 142 -21.42 -10.91 9.62
C MET A 142 -22.40 -10.81 10.79
N VAL A 143 -23.70 -10.90 10.48
CA VAL A 143 -24.75 -10.90 11.48
C VAL A 143 -25.50 -12.22 11.39
N SER A 144 -25.63 -12.90 12.52
CA SER A 144 -26.42 -14.11 12.63
C SER A 144 -27.65 -13.79 13.48
N TYR A 145 -28.85 -13.94 12.88
CA TYR A 145 -30.08 -13.51 13.52
C TYR A 145 -31.04 -14.67 13.74
N ILE A 146 -31.80 -14.59 14.83
CA ILE A 146 -32.88 -15.52 15.12
C ILE A 146 -34.09 -14.71 15.58
N GLN A 147 -35.18 -14.77 14.82
CA GLN A 147 -36.40 -14.02 15.15
C GLN A 147 -37.61 -14.94 15.10
N CYS A 148 -38.38 -14.97 16.19
CA CYS A 148 -39.58 -15.82 16.22
C CYS A 148 -40.76 -15.10 15.57
N LYS A 149 -41.65 -15.89 14.99
CA LYS A 149 -42.86 -15.34 14.38
C LYS A 149 -43.94 -15.07 15.41
N GLU A 150 -44.04 -15.91 16.45
CA GLU A 150 -45.12 -15.77 17.42
C GLU A 150 -44.85 -14.63 18.40
N VAL A 151 -43.76 -14.70 19.15
CA VAL A 151 -43.44 -13.70 20.15
C VAL A 151 -42.41 -12.72 19.59
N ASP A 152 -42.39 -11.51 20.14
CA ASP A 152 -41.50 -10.45 19.68
C ASP A 152 -40.20 -10.52 20.48
N TYR A 153 -39.24 -11.29 19.96
CA TYR A 153 -37.91 -11.37 20.52
C TYR A 153 -36.92 -11.50 19.37
N ARG A 154 -35.71 -10.98 19.57
CA ARG A 154 -34.73 -10.95 18.50
C ARG A 154 -33.32 -11.08 19.07
N SER A 155 -32.55 -12.01 18.50
CA SER A 155 -31.15 -12.21 18.84
C SER A 155 -30.29 -11.91 17.62
N ASP A 156 -29.29 -11.06 17.79
CA ASP A 156 -28.43 -10.58 16.70
C ASP A 156 -26.96 -10.84 17.00
N ARG A 157 -26.62 -12.07 17.34
CA ARG A 157 -25.22 -12.43 17.54
C ARG A 157 -24.39 -12.07 16.30
N ARG A 158 -23.30 -11.33 16.53
CA ARG A 158 -22.43 -10.84 15.47
C ARG A 158 -21.18 -11.70 15.40
N GLU A 159 -20.80 -12.11 14.20
CA GLU A 159 -19.69 -13.04 14.03
C GLU A 159 -18.70 -12.51 13.00
N ASP A 160 -17.42 -12.80 13.22
CA ASP A 160 -16.37 -12.45 12.28
C ASP A 160 -15.99 -13.69 11.48
N TYR A 161 -15.56 -13.48 10.23
CA TYR A 161 -15.19 -14.61 9.39
C TYR A 161 -13.90 -14.30 8.63
N TYR A 162 -13.12 -15.36 8.38
CA TYR A 162 -11.95 -15.29 7.53
C TYR A 162 -12.06 -16.17 6.28
N ASP A 163 -13.09 -17.00 6.19
CA ASP A 163 -13.30 -17.84 5.02
C ASP A 163 -14.78 -18.21 4.96
N ILE A 164 -15.28 -18.46 3.75
CA ILE A 164 -16.69 -18.77 3.55
C ILE A 164 -16.78 -20.09 2.80
N GLN A 165 -17.51 -21.06 3.37
CA GLN A 165 -17.68 -22.38 2.75
C GLN A 165 -19.05 -22.43 2.10
N LEU A 166 -19.06 -22.32 0.77
CA LEU A 166 -20.29 -22.33 -0.01
C LEU A 166 -20.66 -23.76 -0.41
N SER A 167 -21.96 -24.02 -0.45
CA SER A 167 -22.49 -25.32 -0.86
C SER A 167 -22.68 -25.36 -2.37
N ILE A 168 -22.47 -26.54 -2.95
CA ILE A 168 -22.51 -26.72 -4.38
C ILE A 168 -23.68 -27.60 -4.81
N LYS A 169 -23.98 -28.64 -4.04
CA LYS A 169 -25.00 -29.61 -4.42
C LYS A 169 -26.34 -28.93 -4.67
N GLY A 170 -26.79 -28.94 -5.92
CA GLY A 170 -28.03 -28.29 -6.30
C GLY A 170 -27.91 -26.83 -6.66
N LYS A 171 -26.74 -26.23 -6.52
CA LYS A 171 -26.52 -24.83 -6.85
C LYS A 171 -25.81 -24.72 -8.19
N LYS A 172 -26.33 -23.87 -9.07
CA LYS A 172 -25.79 -23.74 -10.42
C LYS A 172 -24.49 -22.92 -10.44
N ASN A 173 -24.45 -21.82 -9.68
CA ASN A 173 -23.32 -20.91 -9.75
C ASN A 173 -23.09 -20.27 -8.38
N ILE A 174 -22.15 -19.33 -8.34
CA ILE A 174 -21.80 -18.67 -7.08
C ILE A 174 -22.98 -17.89 -6.52
N PHE A 175 -23.76 -17.25 -7.40
CA PHE A 175 -24.90 -16.45 -6.94
C PHE A 175 -25.92 -17.30 -6.19
N GLU A 176 -26.25 -18.48 -6.74
CA GLU A 176 -27.19 -19.36 -6.06
C GLU A 176 -26.61 -19.87 -4.74
N SER A 177 -25.31 -20.14 -4.70
CA SER A 177 -24.68 -20.60 -3.46
C SER A 177 -24.75 -19.52 -2.38
N PHE A 178 -24.51 -18.26 -2.76
CA PHE A 178 -24.62 -17.17 -1.81
C PHE A 178 -26.06 -16.97 -1.35
N VAL A 179 -27.03 -17.13 -2.27
CA VAL A 179 -28.43 -17.05 -1.88
C VAL A 179 -28.75 -18.14 -0.85
N ASP A 180 -28.23 -19.35 -1.08
CA ASP A 180 -28.43 -20.43 -0.11
C ASP A 180 -27.77 -20.11 1.22
N TYR A 181 -26.61 -19.43 1.18
CA TYR A 181 -25.91 -19.12 2.42
C TYR A 181 -26.71 -18.18 3.30
N VAL A 182 -27.36 -17.17 2.70
CA VAL A 182 -28.13 -16.19 3.45
C VAL A 182 -29.60 -16.59 3.48
N ALA A 183 -29.88 -17.84 3.11
CA ALA A 183 -31.27 -18.31 3.08
C ALA A 183 -31.84 -18.40 4.50
N VAL A 184 -33.14 -18.13 4.60
CA VAL A 184 -33.83 -18.21 5.89
C VAL A 184 -34.14 -19.66 6.21
N GLU A 185 -33.82 -20.07 7.44
CA GLU A 185 -34.09 -21.42 7.92
C GLU A 185 -35.23 -21.38 8.93
N GLN A 186 -36.22 -22.25 8.74
CA GLN A 186 -37.41 -22.25 9.58
C GLN A 186 -37.22 -23.24 10.73
N LEU A 187 -37.28 -22.74 11.96
CA LEU A 187 -37.19 -23.57 13.17
C LEU A 187 -38.61 -23.78 13.65
N ASP A 188 -39.21 -24.90 13.21
CA ASP A 188 -40.58 -25.26 13.56
C ASP A 188 -40.59 -26.43 14.53
N GLY A 189 -41.78 -26.95 14.79
CA GLY A 189 -42.01 -28.01 15.77
C GLY A 189 -40.99 -29.14 15.78
N ASP A 190 -40.64 -29.59 16.99
CA ASP A 190 -39.66 -30.65 17.25
C ASP A 190 -38.24 -30.16 16.97
N ASN A 191 -38.13 -28.95 16.43
CA ASN A 191 -36.84 -28.27 16.27
C ASN A 191 -36.98 -26.78 16.59
N LYS A 192 -37.94 -26.43 17.44
CA LYS A 192 -38.25 -25.04 17.74
C LYS A 192 -37.13 -24.41 18.57
N TYR A 193 -37.14 -23.07 18.59
CA TYR A 193 -36.12 -22.31 19.29
C TYR A 193 -36.58 -22.01 20.71
N ASP A 194 -35.70 -22.26 21.67
CA ASP A 194 -35.99 -21.98 23.08
C ASP A 194 -35.77 -20.49 23.31
N ALA A 195 -36.86 -19.73 23.41
CA ALA A 195 -36.81 -18.31 23.67
C ALA A 195 -36.79 -17.96 25.14
N GLY A 196 -36.58 -18.95 26.01
CA GLY A 196 -36.49 -18.71 27.44
C GLY A 196 -37.77 -18.18 28.05
N GLU A 197 -37.77 -16.88 28.39
CA GLU A 197 -38.95 -16.26 28.99
C GLU A 197 -40.18 -16.44 28.12
N HIS A 198 -40.01 -16.46 26.79
CA HIS A 198 -41.12 -16.66 25.88
C HIS A 198 -41.43 -18.12 25.62
N GLY A 199 -40.66 -19.04 26.20
CA GLY A 199 -40.88 -20.46 26.00
C GLY A 199 -40.43 -20.92 24.63
N LEU A 200 -40.66 -22.21 24.36
CA LEU A 200 -40.37 -22.77 23.05
C LEU A 200 -41.20 -22.10 21.98
N GLN A 201 -40.56 -21.65 20.91
CA GLN A 201 -41.23 -20.89 19.87
C GLN A 201 -40.71 -21.29 18.49
N GLU A 202 -41.59 -21.20 17.50
CA GLU A 202 -41.19 -21.31 16.11
C GLU A 202 -40.54 -20.01 15.66
N ALA A 203 -39.43 -20.13 14.93
CA ALA A 203 -38.61 -18.96 14.63
C ALA A 203 -37.97 -19.11 13.26
N GLU A 204 -37.17 -18.12 12.90
CA GLU A 204 -36.35 -18.13 11.70
C GLU A 204 -34.91 -17.80 12.08
N LYS A 205 -33.98 -18.54 11.49
CA LYS A 205 -32.55 -18.33 11.70
C LYS A 205 -31.92 -17.98 10.37
N GLY A 206 -31.04 -16.98 10.37
CA GLY A 206 -30.42 -16.57 9.13
C GLY A 206 -29.11 -15.84 9.36
N VAL A 207 -28.46 -15.52 8.24
CA VAL A 207 -27.17 -14.85 8.23
C VAL A 207 -27.19 -13.77 7.17
N LYS A 208 -26.69 -12.58 7.52
CA LYS A 208 -26.56 -11.46 6.61
C LYS A 208 -25.14 -10.92 6.66
N PHE A 209 -24.67 -10.40 5.54
CA PHE A 209 -23.30 -9.91 5.42
C PHE A 209 -23.24 -8.41 5.75
N LEU A 210 -22.36 -8.05 6.66
CA LEU A 210 -22.09 -6.64 6.95
C LEU A 210 -20.98 -6.10 6.07
N THR A 211 -19.83 -6.76 6.05
CA THR A 211 -18.68 -6.33 5.27
C THR A 211 -18.07 -7.53 4.56
N LEU A 212 -17.30 -7.24 3.52
CA LEU A 212 -16.60 -8.26 2.77
C LEU A 212 -15.12 -7.90 2.74
N PRO A 213 -14.22 -8.83 3.06
CA PRO A 213 -12.79 -8.49 3.18
C PRO A 213 -12.21 -8.13 1.84
N PRO A 214 -11.08 -7.39 1.82
CA PRO A 214 -10.41 -7.13 0.54
C PRO A 214 -10.01 -8.40 -0.19
N VAL A 215 -9.60 -9.44 0.54
CA VAL A 215 -9.28 -10.74 -0.03
C VAL A 215 -10.31 -11.74 0.50
N LEU A 216 -11.10 -12.30 -0.41
CA LEU A 216 -12.18 -13.21 -0.07
C LEU A 216 -11.75 -14.64 -0.37
N HIS A 217 -11.74 -15.48 0.67
CA HIS A 217 -11.39 -16.89 0.55
C HIS A 217 -12.70 -17.69 0.57
N LEU A 218 -13.16 -18.06 -0.62
CA LEU A 218 -14.35 -18.89 -0.77
C LEU A 218 -13.91 -20.33 -1.00
N GLN A 219 -14.48 -21.26 -0.25
CA GLN A 219 -14.19 -22.68 -0.42
C GLN A 219 -15.48 -23.42 -0.75
N LEU A 220 -15.44 -24.24 -1.79
CA LEU A 220 -16.63 -24.94 -2.24
C LEU A 220 -16.71 -26.31 -1.59
N MET A 221 -17.94 -26.78 -1.35
CA MET A 221 -18.17 -28.03 -0.62
C MET A 221 -18.46 -29.13 -1.64
N ARG A 222 -17.42 -29.86 -2.01
CA ARG A 222 -17.50 -30.86 -3.07
C ARG A 222 -17.47 -32.30 -2.56
N PHE A 223 -17.66 -32.51 -1.26
CA PHE A 223 -17.65 -33.84 -0.68
C PHE A 223 -18.73 -33.90 0.40
N MET A 224 -19.68 -34.80 0.26
CA MET A 224 -20.77 -34.96 1.22
C MET A 224 -20.84 -36.40 1.71
N TYR A 225 -21.30 -36.58 2.94
CA TYR A 225 -21.41 -37.92 3.50
C TYR A 225 -22.56 -38.67 2.83
N ASP A 226 -22.35 -39.94 2.55
CA ASP A 226 -23.39 -40.80 1.98
C ASP A 226 -23.58 -42.06 2.82
N PRO A 227 -24.70 -42.20 3.51
CA PRO A 227 -24.92 -43.43 4.28
C PRO A 227 -25.17 -44.61 3.35
N GLN A 228 -24.84 -45.81 3.86
CA GLN A 228 -24.98 -47.05 3.10
C GLN A 228 -24.10 -47.08 1.85
N THR A 229 -23.12 -46.19 1.77
CA THR A 229 -22.22 -46.11 0.62
C THR A 229 -20.80 -45.92 1.14
N ASP A 230 -19.90 -45.45 0.27
CA ASP A 230 -18.49 -45.33 0.60
C ASP A 230 -18.20 -44.14 1.52
N GLN A 231 -19.26 -43.61 2.14
CA GLN A 231 -19.19 -42.62 3.21
C GLN A 231 -18.76 -41.22 2.78
N ASN A 232 -18.28 -41.07 1.53
CA ASN A 232 -17.98 -39.74 0.99
C ASN A 232 -17.83 -39.87 -0.52
N ILE A 233 -18.78 -39.31 -1.27
CA ILE A 233 -18.75 -39.30 -2.72
C ILE A 233 -18.30 -37.93 -3.20
N LYS A 234 -17.55 -37.88 -4.28
CA LYS A 234 -17.07 -36.61 -4.78
C LYS A 234 -18.20 -35.98 -5.60
N ILE A 235 -18.46 -34.70 -5.39
CA ILE A 235 -19.52 -33.99 -6.13
C ILE A 235 -18.84 -33.30 -7.32
N ASN A 236 -18.81 -34.01 -8.45
CA ASN A 236 -18.24 -33.48 -9.69
C ASN A 236 -19.26 -32.70 -10.51
N ASP A 237 -20.34 -32.24 -9.90
CA ASP A 237 -21.37 -31.52 -10.64
C ASP A 237 -20.84 -30.18 -11.14
N ARG A 238 -21.48 -29.66 -12.18
CA ARG A 238 -21.07 -28.40 -12.76
C ARG A 238 -21.38 -27.25 -11.81
N PHE A 239 -20.43 -26.33 -11.67
CA PHE A 239 -20.60 -25.17 -10.80
C PHE A 239 -19.84 -24.01 -11.40
N GLU A 240 -20.54 -22.92 -11.70
CA GLU A 240 -19.97 -21.80 -12.42
C GLU A 240 -19.55 -20.70 -11.44
N PHE A 241 -18.40 -20.08 -11.71
CA PHE A 241 -17.96 -18.91 -10.99
C PHE A 241 -17.47 -17.87 -11.99
N PRO A 242 -17.81 -16.59 -11.77
CA PRO A 242 -17.45 -15.55 -12.71
C PRO A 242 -16.08 -14.96 -12.42
N GLU A 243 -15.48 -14.36 -13.46
CA GLU A 243 -14.25 -13.61 -13.27
C GLU A 243 -14.48 -12.42 -12.35
N GLN A 244 -15.60 -11.73 -12.53
CA GLN A 244 -15.99 -10.60 -11.68
C GLN A 244 -17.24 -10.97 -10.91
N LEU A 245 -17.18 -10.81 -9.59
CA LEU A 245 -18.24 -11.23 -8.67
C LEU A 245 -18.85 -10.01 -7.99
N PRO A 246 -20.05 -9.59 -8.38
CA PRO A 246 -20.76 -8.51 -7.67
C PRO A 246 -21.50 -9.07 -6.47
N LEU A 247 -21.07 -8.68 -5.27
CA LEU A 247 -21.67 -9.14 -4.03
C LEU A 247 -22.34 -8.03 -3.24
N ASP A 248 -22.53 -6.85 -3.84
CA ASP A 248 -23.12 -5.73 -3.11
C ASP A 248 -24.56 -6.01 -2.67
N GLU A 249 -25.30 -6.79 -3.46
CA GLU A 249 -26.69 -7.08 -3.13
C GLU A 249 -26.82 -7.94 -1.87
N PHE A 250 -25.77 -8.65 -1.47
CA PHE A 250 -25.81 -9.52 -0.31
C PHE A 250 -25.41 -8.80 0.99
N LEU A 251 -25.20 -7.49 0.94
CA LEU A 251 -24.87 -6.71 2.12
C LEU A 251 -26.12 -5.99 2.63
N GLN A 252 -26.25 -5.89 3.95
CA GLN A 252 -27.38 -5.18 4.52
C GLN A 252 -27.37 -3.72 4.12
N LYS A 253 -26.22 -3.07 4.20
CA LYS A 253 -26.06 -1.69 3.77
C LYS A 253 -24.85 -1.59 2.86
N THR A 254 -25.06 -1.04 1.67
CA THR A 254 -24.00 -0.88 0.69
C THR A 254 -23.31 0.46 0.87
N ASP A 255 -22.33 0.74 0.02
CA ASP A 255 -21.59 1.99 0.10
C ASP A 255 -21.08 2.39 -1.28
N PRO A 256 -21.56 3.52 -1.82
CA PRO A 256 -20.98 4.03 -3.07
C PRO A 256 -19.52 4.41 -2.88
N LYS A 257 -18.78 4.40 -3.99
CA LYS A 257 -17.34 4.60 -4.07
C LYS A 257 -16.56 3.45 -3.47
N ASP A 258 -17.23 2.41 -2.97
CA ASP A 258 -16.58 1.14 -2.60
C ASP A 258 -17.58 0.02 -2.77
N PRO A 259 -18.01 -0.26 -4.01
CA PRO A 259 -18.93 -1.37 -4.25
C PRO A 259 -18.26 -2.72 -4.00
N ALA A 260 -19.10 -3.71 -3.68
CA ALA A 260 -18.62 -5.06 -3.43
C ALA A 260 -18.44 -5.83 -4.74
N ASN A 261 -17.56 -5.31 -5.59
CA ASN A 261 -17.18 -5.96 -6.84
C ASN A 261 -15.80 -6.58 -6.67
N TYR A 262 -15.69 -7.87 -6.98
CA TYR A 262 -14.47 -8.61 -6.73
C TYR A 262 -13.93 -9.19 -8.02
N ILE A 263 -12.60 -9.25 -8.12
CA ILE A 263 -11.91 -9.77 -9.29
C ILE A 263 -11.33 -11.13 -8.93
N LEU A 264 -11.57 -12.12 -9.77
CA LEU A 264 -11.05 -13.46 -9.51
C LEU A 264 -9.53 -13.45 -9.53
N HIS A 265 -8.92 -14.02 -8.51
CA HIS A 265 -7.47 -14.03 -8.36
C HIS A 265 -6.89 -15.43 -8.40
N ALA A 266 -7.44 -16.37 -7.64
CA ALA A 266 -6.90 -17.72 -7.59
C ALA A 266 -8.01 -18.75 -7.71
N VAL A 267 -7.68 -19.88 -8.34
CA VAL A 267 -8.59 -21.00 -8.51
C VAL A 267 -7.84 -22.26 -8.11
N LEU A 268 -8.14 -22.80 -6.93
CA LEU A 268 -7.54 -24.03 -6.44
C LEU A 268 -8.41 -25.20 -6.90
N VAL A 269 -7.81 -26.11 -7.67
CA VAL A 269 -8.52 -27.13 -8.43
C VAL A 269 -8.00 -28.50 -8.00
N HIS A 270 -8.90 -29.47 -7.96
CA HIS A 270 -8.56 -30.84 -7.63
C HIS A 270 -9.13 -31.77 -8.70
N SER A 271 -8.34 -32.78 -9.06
CA SER A 271 -8.72 -33.80 -10.02
C SER A 271 -8.69 -35.15 -9.31
N GLY A 272 -9.69 -35.99 -9.63
CA GLY A 272 -9.76 -37.33 -9.08
C GLY A 272 -11.00 -37.49 -8.19
N ASP A 273 -10.83 -38.26 -7.12
CA ASP A 273 -11.94 -38.58 -6.22
C ASP A 273 -11.40 -38.80 -4.81
N ASN A 274 -12.24 -39.38 -3.96
CA ASN A 274 -11.91 -39.63 -2.57
C ASN A 274 -11.04 -40.87 -2.40
N GLY A 277 -5.68 -37.96 -5.36
CA GLY A 277 -6.04 -36.82 -6.19
C GLY A 277 -4.87 -35.93 -6.55
N HIS A 278 -5.08 -35.08 -7.55
CA HIS A 278 -4.08 -34.13 -8.04
C HIS A 278 -4.55 -32.71 -7.75
N TYR A 279 -3.70 -31.91 -7.11
CA TYR A 279 -4.05 -30.55 -6.71
C TYR A 279 -3.21 -29.55 -7.50
N VAL A 280 -3.88 -28.63 -8.21
CA VAL A 280 -3.23 -27.65 -9.06
C VAL A 280 -3.88 -26.29 -8.83
N VAL A 281 -3.09 -25.21 -8.91
CA VAL A 281 -3.61 -23.87 -8.66
C VAL A 281 -3.43 -23.01 -9.91
N TYR A 282 -4.51 -22.37 -10.35
CA TYR A 282 -4.47 -21.40 -11.44
C TYR A 282 -4.49 -19.99 -10.85
N LEU A 283 -3.55 -19.15 -11.28
CA LEU A 283 -3.35 -17.85 -10.67
C LEU A 283 -2.97 -16.82 -11.72
N ASN A 284 -3.57 -15.64 -11.64
CA ASN A 284 -3.09 -14.47 -12.38
C ASN A 284 -2.49 -13.50 -11.37
N PRO A 285 -1.18 -13.59 -11.12
CA PRO A 285 -0.61 -12.87 -9.97
C PRO A 285 -0.80 -11.36 -10.02
N LYS A 286 -0.73 -10.76 -11.20
CA LYS A 286 -0.81 -9.31 -11.34
C LYS A 286 -2.24 -8.82 -11.48
N GLY A 287 -3.23 -9.70 -11.42
CA GLY A 287 -4.61 -9.28 -11.61
C GLY A 287 -4.93 -8.77 -12.99
N ASP A 288 -4.06 -8.99 -13.97
CA ASP A 288 -4.23 -8.48 -15.32
C ASP A 288 -4.92 -9.48 -16.24
N GLY A 289 -5.31 -10.65 -15.73
CA GLY A 289 -5.90 -11.67 -16.56
C GLY A 289 -4.92 -12.58 -17.25
N LYS A 290 -3.61 -12.36 -17.05
CA LYS A 290 -2.59 -13.25 -17.60
C LYS A 290 -2.47 -14.44 -16.65
N TRP A 291 -3.21 -15.49 -16.95
CA TRP A 291 -3.31 -16.63 -16.06
C TRP A 291 -2.13 -17.59 -16.24
N CYS A 292 -1.78 -18.24 -15.14
CA CYS A 292 -0.72 -19.24 -15.10
C CYS A 292 -1.21 -20.46 -14.34
N LYS A 293 -0.67 -21.62 -14.71
CA LYS A 293 -0.95 -22.88 -14.06
C LYS A 293 0.26 -23.28 -13.22
N PHE A 294 0.02 -23.55 -11.94
CA PHE A 294 1.03 -23.99 -10.99
C PHE A 294 0.68 -25.43 -10.65
N ASP A 295 1.44 -26.37 -11.21
CA ASP A 295 1.34 -27.79 -10.91
C ASP A 295 2.67 -28.16 -10.26
N ASP A 296 2.73 -27.98 -8.93
CA ASP A 296 3.94 -28.21 -8.15
C ASP A 296 5.14 -27.50 -8.76
N ASP A 297 6.11 -28.27 -9.26
CA ASP A 297 7.34 -27.69 -9.78
C ASP A 297 7.21 -27.13 -11.19
N VAL A 298 6.07 -27.34 -11.86
CA VAL A 298 5.89 -26.90 -13.23
C VAL A 298 4.93 -25.72 -13.23
N VAL A 299 5.43 -24.54 -13.60
CA VAL A 299 4.62 -23.34 -13.70
C VAL A 299 4.64 -22.91 -15.16
N SER A 300 3.46 -22.77 -15.75
CA SER A 300 3.34 -22.46 -17.17
C SER A 300 2.26 -21.41 -17.38
N ARG A 301 2.22 -20.84 -18.57
CA ARG A 301 1.16 -19.92 -18.93
C ARG A 301 -0.03 -20.70 -19.47
N CYS A 302 -1.24 -20.17 -19.22
CA CYS A 302 -2.47 -20.85 -19.61
C CYS A 302 -3.54 -19.81 -19.93
N THR A 303 -4.55 -20.27 -20.68
CA THR A 303 -5.65 -19.41 -21.04
C THR A 303 -6.59 -19.17 -19.86
N LYS A 304 -7.40 -18.13 -19.97
CA LYS A 304 -8.44 -17.90 -18.96
C LYS A 304 -9.46 -19.03 -18.97
N GLU A 305 -9.73 -19.60 -20.14
CA GLU A 305 -10.70 -20.68 -20.22
C GLU A 305 -10.24 -21.89 -19.42
N GLU A 306 -8.95 -22.23 -19.51
CA GLU A 306 -8.42 -23.34 -18.73
C GLU A 306 -8.51 -23.08 -17.24
N ALA A 307 -8.39 -21.80 -16.85
CA ALA A 307 -8.42 -21.46 -15.44
C ALA A 307 -9.84 -21.35 -14.89
N ILE A 308 -10.80 -20.95 -15.72
CA ILE A 308 -12.15 -20.66 -15.24
C ILE A 308 -13.16 -21.63 -15.83
N GLU A 309 -13.33 -21.61 -17.15
CA GLU A 309 -14.37 -22.42 -17.78
C GLU A 309 -14.10 -23.91 -17.59
N HIS A 310 -12.84 -24.34 -17.76
CA HIS A 310 -12.51 -25.75 -17.73
C HIS A 310 -12.52 -26.35 -16.33
N ASN A 311 -12.78 -25.55 -15.29
CA ASN A 311 -12.83 -26.05 -13.93
C ASN A 311 -14.22 -25.95 -13.30
N TYR A 312 -15.26 -25.69 -14.10
CA TYR A 312 -16.62 -25.68 -13.56
C TYR A 312 -17.06 -27.08 -13.15
N GLY A 313 -16.60 -28.10 -13.85
CA GLY A 313 -17.06 -29.46 -13.63
C GLY A 313 -18.12 -29.86 -14.64
N GLY A 314 -18.28 -31.18 -14.80
CA GLY A 314 -19.25 -31.69 -15.74
C GLY A 314 -19.12 -33.19 -15.88
N HIS A 315 -19.79 -33.72 -16.89
CA HIS A 315 -19.80 -35.15 -17.14
C HIS A 315 -19.76 -35.46 -18.64
N HIS A 323 -16.13 -34.56 -16.23
CA HIS A 323 -14.85 -35.12 -15.83
C HIS A 323 -14.70 -35.10 -14.31
N CYS A 324 -13.49 -35.33 -13.82
CA CYS A 324 -13.20 -35.34 -12.39
C CYS A 324 -12.45 -34.10 -11.92
N THR A 325 -12.10 -33.19 -12.83
CA THR A 325 -11.25 -32.04 -12.48
C THR A 325 -12.14 -30.82 -12.27
N ASN A 326 -12.24 -30.37 -11.02
CA ASN A 326 -13.08 -29.22 -10.70
C ASN A 326 -12.44 -28.39 -9.59
N ALA A 327 -12.85 -27.14 -9.50
CA ALA A 327 -12.27 -26.22 -8.54
C ALA A 327 -12.86 -26.47 -7.16
N TYR A 328 -12.02 -26.38 -6.13
CA TYR A 328 -12.49 -26.49 -4.77
C TYR A 328 -12.33 -25.20 -3.96
N MET A 329 -11.43 -24.31 -4.36
CA MET A 329 -11.30 -23.04 -3.66
C MET A 329 -11.19 -21.90 -4.68
N LEU A 330 -11.81 -20.77 -4.34
CA LEU A 330 -11.70 -19.55 -5.12
C LEU A 330 -11.18 -18.44 -4.22
N VAL A 331 -10.31 -17.61 -4.76
CA VAL A 331 -9.79 -16.45 -4.05
C VAL A 331 -10.08 -15.23 -4.90
N TYR A 332 -10.87 -14.31 -4.35
CA TYR A 332 -11.26 -13.08 -5.02
C TYR A 332 -10.60 -11.89 -4.32
N ILE A 333 -10.36 -10.82 -5.08
CA ILE A 333 -9.82 -9.59 -4.54
C ILE A 333 -10.76 -8.44 -4.90
N ARG A 334 -11.07 -7.60 -3.93
CA ARG A 334 -11.94 -6.45 -4.17
C ARG A 334 -11.28 -5.50 -5.15
N GLU A 335 -12.07 -4.99 -6.10
CA GLU A 335 -11.52 -4.15 -7.17
C GLU A 335 -10.92 -2.86 -6.60
N SER A 336 -11.47 -2.36 -5.49
CA SER A 336 -11.00 -1.12 -4.90
C SER A 336 -9.71 -1.29 -4.11
N LYS A 337 -9.26 -2.51 -3.85
CA LYS A 337 -8.05 -2.76 -3.07
C LYS A 337 -6.95 -3.46 -3.85
N LEU A 338 -7.19 -3.79 -5.12
CA LEU A 338 -6.27 -4.65 -5.86
C LEU A 338 -4.83 -4.14 -5.77
N SER A 339 -4.64 -2.86 -6.13
CA SER A 339 -3.29 -2.29 -6.15
C SER A 339 -2.63 -2.39 -4.79
N GLU A 340 -3.38 -2.15 -3.72
CA GLU A 340 -2.78 -2.22 -2.39
C GLU A 340 -2.52 -3.67 -1.99
N VAL A 341 -3.43 -4.58 -2.34
CA VAL A 341 -3.21 -5.97 -1.97
C VAL A 341 -2.06 -6.57 -2.77
N LEU A 342 -1.95 -6.17 -4.04
CA LEU A 342 -0.95 -6.69 -4.97
C LEU A 342 0.20 -5.72 -5.20
N GLN A 343 0.67 -5.06 -4.13
CA GLN A 343 1.80 -4.16 -4.24
C GLN A 343 2.99 -4.86 -4.89
N ALA A 344 3.69 -4.15 -5.77
CA ALA A 344 4.91 -4.69 -6.33
C ALA A 344 5.90 -4.94 -5.20
N VAL A 345 6.54 -6.10 -5.22
CA VAL A 345 7.47 -6.51 -4.16
C VAL A 345 8.85 -6.64 -4.79
N THR A 346 9.80 -5.85 -4.30
CA THR A 346 11.17 -5.88 -4.76
C THR A 346 12.03 -6.68 -3.78
N ASP A 347 13.23 -7.02 -4.22
CA ASP A 347 14.14 -7.78 -3.37
C ASP A 347 14.69 -6.95 -2.22
N HIS A 348 14.33 -5.68 -2.14
CA HIS A 348 14.76 -4.81 -1.05
C HIS A 348 13.79 -4.84 0.13
N ASP A 349 12.53 -5.22 -0.10
CA ASP A 349 11.53 -5.27 0.96
C ASP A 349 11.84 -6.32 2.01
N ILE A 350 12.67 -7.30 1.69
CA ILE A 350 13.05 -8.34 2.65
C ILE A 350 14.13 -7.76 3.57
N PRO A 351 13.93 -7.78 4.88
CA PRO A 351 14.92 -7.21 5.80
C PRO A 351 16.27 -7.90 5.64
N GLN A 352 17.34 -7.11 5.70
CA GLN A 352 18.67 -7.64 5.45
C GLN A 352 19.09 -8.65 6.50
N GLN A 353 18.62 -8.50 7.74
CA GLN A 353 18.92 -9.48 8.79
C GLN A 353 18.32 -10.83 8.44
N LEU A 354 17.07 -10.85 7.98
CA LEU A 354 16.44 -12.10 7.57
C LEU A 354 17.15 -12.70 6.38
N VAL A 355 17.58 -11.86 5.43
CA VAL A 355 18.32 -12.35 4.27
C VAL A 355 19.62 -13.00 4.71
N GLU A 356 20.32 -12.37 5.65
CA GLU A 356 21.57 -12.94 6.16
C GLU A 356 21.32 -14.28 6.84
N ARG A 357 20.26 -14.39 7.65
CA ARG A 357 19.98 -15.64 8.33
C ARG A 357 19.64 -16.75 7.32
N LEU A 358 18.81 -16.44 6.33
CA LEU A 358 18.46 -17.43 5.33
C LEU A 358 19.68 -17.83 4.50
N GLN A 359 20.53 -16.86 4.16
CA GLN A 359 21.76 -17.16 3.45
C GLN A 359 22.68 -18.05 4.28
N GLU A 360 22.75 -17.81 5.59
CA GLU A 360 23.54 -18.67 6.47
C GLU A 360 23.03 -20.10 6.45
N GLU A 361 21.71 -20.28 6.55
CA GLU A 361 21.17 -21.64 6.48
C GLU A 361 21.45 -22.27 5.13
N LYS A 362 21.36 -21.50 4.05
CA LYS A 362 21.69 -22.01 2.73
C LYS A 362 23.16 -22.41 2.64
N ARG A 363 24.05 -21.62 3.25
CA ARG A 363 25.47 -21.97 3.28
C ARG A 363 25.69 -23.29 3.98
N ILE A 364 25.04 -23.47 5.13
CA ILE A 364 25.20 -24.72 5.87
C ILE A 364 24.69 -25.90 5.04
N GLU A 365 23.56 -25.70 4.36
CA GLU A 365 23.03 -26.75 3.48
C GLU A 365 23.99 -27.05 2.35
N ALA A 366 24.63 -26.02 1.79
CA ALA A 366 25.58 -26.22 0.70
C ALA A 366 26.81 -27.00 1.16
N GLN A 367 27.24 -26.81 2.40
CA GLN A 367 28.41 -27.50 2.93
C GLN A 367 28.08 -28.95 3.26
N HIS B 24 -18.40 19.28 -3.36
CA HIS B 24 -18.11 18.16 -4.23
C HIS B 24 -16.63 17.79 -4.18
N THR B 25 -16.22 16.93 -5.11
CA THR B 25 -14.86 16.44 -5.34
C THR B 25 -14.32 15.56 -4.21
N GLY B 26 -15.08 15.36 -3.13
CA GLY B 26 -14.65 14.49 -2.05
C GLY B 26 -13.49 14.99 -1.21
N TYR B 27 -12.96 16.18 -1.48
CA TYR B 27 -11.83 16.74 -0.77
C TYR B 27 -12.18 18.10 -0.18
N VAL B 28 -11.65 18.38 1.00
CA VAL B 28 -11.91 19.64 1.69
C VAL B 28 -10.65 20.50 1.62
N GLY B 29 -10.86 21.81 1.69
CA GLY B 29 -9.78 22.78 1.57
C GLY B 29 -9.27 23.27 2.91
N LEU B 30 -8.36 24.24 2.84
CA LEU B 30 -7.75 24.85 4.00
C LEU B 30 -8.11 26.33 4.05
N LYS B 31 -8.37 26.83 5.25
CA LYS B 31 -8.80 28.22 5.39
C LYS B 31 -7.64 29.17 5.16
N ASN B 32 -7.92 30.29 4.49
CA ASN B 32 -6.94 31.35 4.29
C ASN B 32 -7.01 32.28 5.50
N GLN B 33 -5.97 32.25 6.33
CA GLN B 33 -5.95 33.00 7.58
C GLN B 33 -4.81 33.99 7.68
N GLY B 34 -3.94 34.08 6.68
CA GLY B 34 -2.82 34.98 6.75
C GLY B 34 -1.85 34.74 5.61
N ALA B 35 -0.67 35.34 5.73
CA ALA B 35 0.37 35.24 4.72
C ALA B 35 1.15 33.92 4.87
N THR B 36 0.41 32.81 4.85
CA THR B 36 1.04 31.50 4.92
C THR B 36 1.74 31.14 3.62
N CYS B 37 1.39 31.81 2.52
CA CYS B 37 2.02 31.63 1.21
C CYS B 37 1.91 30.17 0.79
N TYR B 38 3.02 29.45 0.64
CA TYR B 38 3.02 28.08 0.13
C TYR B 38 2.47 27.06 1.11
N MET B 39 2.32 27.44 2.38
CA MET B 39 2.05 26.45 3.43
C MET B 39 0.86 25.59 3.09
N ASN B 40 -0.28 26.22 2.78
CA ASN B 40 -1.48 25.45 2.47
C ASN B 40 -1.21 24.45 1.36
N SER B 41 -0.61 24.90 0.26
CA SER B 41 -0.35 23.99 -0.85
C SER B 41 0.53 22.84 -0.37
N LEU B 42 1.58 23.16 0.37
CA LEU B 42 2.49 22.12 0.83
C LEU B 42 1.73 21.12 1.69
N LEU B 43 0.85 21.63 2.55
CA LEU B 43 0.12 20.75 3.45
C LEU B 43 -0.69 19.74 2.65
N GLN B 44 -1.39 20.21 1.62
CA GLN B 44 -2.17 19.29 0.80
C GLN B 44 -1.27 18.23 0.20
N THR B 45 -0.11 18.63 -0.29
CA THR B 45 0.83 17.67 -0.86
C THR B 45 1.23 16.61 0.15
N LEU B 46 1.45 17.02 1.40
CA LEU B 46 1.76 16.03 2.42
C LEU B 46 0.54 15.20 2.79
N PHE B 47 -0.65 15.80 2.73
CA PHE B 47 -1.85 15.07 3.14
C PHE B 47 -2.13 13.90 2.20
N PHE B 48 -1.92 14.11 0.90
CA PHE B 48 -2.17 13.07 -0.09
C PHE B 48 -0.96 12.17 -0.32
N THR B 49 0.12 12.35 0.45
CA THR B 49 1.18 11.36 0.57
C THR B 49 0.71 10.36 1.63
N ASN B 50 -0.15 9.44 1.20
CA ASN B 50 -0.97 8.65 2.11
C ASN B 50 -0.13 7.84 3.09
N GLN B 51 0.99 7.28 2.62
CA GLN B 51 1.87 6.54 3.51
C GLN B 51 2.39 7.45 4.62
N LEU B 52 2.78 8.68 4.26
CA LEU B 52 3.20 9.64 5.26
C LEU B 52 2.07 9.99 6.22
N ARG B 53 0.84 10.11 5.71
CA ARG B 53 -0.28 10.45 6.57
C ARG B 53 -0.56 9.36 7.60
N LYS B 54 -0.59 8.11 7.15
CA LYS B 54 -0.78 6.99 8.08
C LYS B 54 0.36 6.92 9.08
N ALA B 55 1.58 7.23 8.64
CA ALA B 55 2.71 7.29 9.57
C ALA B 55 2.51 8.39 10.61
N VAL B 56 2.02 9.55 10.17
CA VAL B 56 1.80 10.68 11.08
C VAL B 56 0.74 10.33 12.11
N TYR B 57 -0.27 9.58 11.71
CA TYR B 57 -1.36 9.25 12.63
C TYR B 57 -0.87 8.44 13.83
N MET B 58 0.23 7.70 13.67
CA MET B 58 0.69 6.77 14.70
C MET B 58 1.79 7.36 15.59
N MET B 59 2.03 8.66 15.51
CA MET B 59 3.09 9.27 16.31
C MET B 59 2.65 9.38 17.77
N PRO B 60 3.48 8.97 18.72
CA PRO B 60 3.08 9.01 20.14
C PRO B 60 3.02 10.43 20.69
N THR B 61 1.94 11.15 20.36
CA THR B 61 1.76 12.53 20.79
C THR B 61 0.84 12.67 22.00
N GLU B 62 0.59 11.56 22.70
CA GLU B 62 -0.37 11.59 23.81
C GLU B 62 0.08 12.53 24.91
N GLY B 63 1.36 12.50 25.28
CA GLY B 63 1.86 13.36 26.33
C GLY B 63 2.29 14.74 25.89
N ASP B 64 2.26 15.04 24.60
CA ASP B 64 2.78 16.31 24.10
C ASP B 64 1.87 17.46 24.48
N ASP B 65 2.45 18.66 24.52
CA ASP B 65 1.70 19.89 24.74
C ASP B 65 1.07 20.34 23.43
N SER B 66 -0.21 20.69 23.47
CA SER B 66 -0.95 20.99 22.25
C SER B 66 -0.39 22.19 21.51
N SER B 67 -0.01 23.24 22.24
CA SER B 67 0.48 24.47 21.63
C SER B 67 1.99 24.48 21.44
N LYS B 68 2.67 23.37 21.73
CA LYS B 68 4.11 23.29 21.56
C LYS B 68 4.55 22.13 20.69
N SER B 69 3.65 21.22 20.32
CA SER B 69 4.00 20.02 19.57
C SER B 69 3.65 20.22 18.09
N VAL B 70 4.69 20.28 17.25
CA VAL B 70 4.45 20.26 15.81
C VAL B 70 3.78 18.97 15.35
N PRO B 71 4.22 17.78 15.77
CA PRO B 71 3.52 16.55 15.34
C PRO B 71 2.05 16.52 15.70
N LEU B 72 1.68 17.00 16.89
CA LEU B 72 0.28 17.04 17.26
C LEU B 72 -0.51 17.98 16.35
N ALA B 73 0.09 19.13 16.03
CA ALA B 73 -0.56 20.06 15.11
C ALA B 73 -0.75 19.43 13.73
N LEU B 74 0.25 18.71 13.24
CA LEU B 74 0.12 18.07 11.94
C LEU B 74 -0.93 16.97 11.96
N GLN B 75 -0.99 16.20 13.06
CA GLN B 75 -2.04 15.19 13.19
C GLN B 75 -3.42 15.84 13.19
N ARG B 76 -3.56 16.97 13.90
CA ARG B 76 -4.83 17.69 13.93
C ARG B 76 -5.22 18.14 12.53
N VAL B 77 -4.26 18.70 11.79
CA VAL B 77 -4.57 19.20 10.45
C VAL B 77 -4.96 18.04 9.52
N PHE B 78 -4.24 16.93 9.59
CA PHE B 78 -4.55 15.78 8.73
C PHE B 78 -5.93 15.21 9.07
N TYR B 79 -6.24 15.08 10.36
CA TYR B 79 -7.54 14.58 10.78
C TYR B 79 -8.66 15.49 10.29
N GLU B 80 -8.49 16.81 10.44
CA GLU B 80 -9.49 17.74 9.96
C GLU B 80 -9.66 17.65 8.45
N LEU B 81 -8.55 17.53 7.71
CA LEU B 81 -8.63 17.41 6.27
C LEU B 81 -9.29 16.11 5.84
N GLN B 82 -9.17 15.05 6.65
CA GLN B 82 -9.75 13.77 6.27
C GLN B 82 -11.23 13.67 6.61
N HIS B 83 -11.67 14.27 7.72
CA HIS B 83 -13.05 14.10 8.16
C HIS B 83 -13.93 15.32 7.96
N SER B 84 -13.42 16.53 8.21
CA SER B 84 -14.26 17.71 8.19
C SER B 84 -14.79 18.02 6.79
N ASP B 85 -16.00 18.57 6.75
CA ASP B 85 -16.61 19.05 5.52
C ASP B 85 -16.39 20.54 5.30
N LYS B 86 -15.95 21.25 6.33
CA LYS B 86 -15.68 22.68 6.30
C LYS B 86 -14.19 22.94 6.17
N PRO B 87 -13.79 24.12 5.68
CA PRO B 87 -12.37 24.41 5.51
C PRO B 87 -11.60 24.30 6.82
N VAL B 88 -10.36 23.83 6.71
CA VAL B 88 -9.51 23.51 7.86
C VAL B 88 -8.62 24.70 8.18
N GLY B 89 -8.39 24.93 9.48
CA GLY B 89 -7.52 26.00 9.93
C GLY B 89 -6.15 25.49 10.34
N THR B 90 -5.19 26.42 10.38
CA THR B 90 -3.79 26.06 10.62
C THR B 90 -3.11 26.98 11.65
N LYS B 91 -3.87 27.69 12.47
CA LYS B 91 -3.25 28.57 13.47
C LYS B 91 -2.44 27.77 14.48
N LYS B 92 -2.96 26.62 14.90
CA LYS B 92 -2.23 25.77 15.84
C LYS B 92 -0.91 25.31 15.26
N LEU B 93 -0.89 24.97 13.96
CA LEU B 93 0.35 24.54 13.32
C LEU B 93 1.39 25.67 13.31
N THR B 94 0.98 26.85 12.85
CA THR B 94 1.90 27.97 12.76
C THR B 94 2.44 28.35 14.14
N LYS B 95 1.58 28.26 15.18
CA LYS B 95 2.09 28.46 16.53
C LYS B 95 3.02 27.32 16.95
N SER B 96 2.76 26.11 16.49
CA SER B 96 3.57 24.96 16.90
C SER B 96 5.00 25.08 16.40
N PHE B 97 5.19 25.46 15.14
CA PHE B 97 6.55 25.67 14.64
C PHE B 97 6.95 27.14 14.60
N GLY B 98 6.17 28.02 15.21
CA GLY B 98 6.58 29.38 15.50
C GLY B 98 6.86 30.24 14.30
N TRP B 99 6.06 30.12 13.24
CA TRP B 99 6.08 31.05 12.11
C TRP B 99 4.77 31.82 12.16
N GLU B 100 4.74 32.90 12.92
CA GLU B 100 3.53 33.69 13.07
C GLU B 100 3.68 35.14 12.63
N THR B 101 4.91 35.62 12.42
CA THR B 101 5.10 36.95 11.89
C THR B 101 4.93 36.95 10.37
N LEU B 102 4.61 38.13 9.83
CA LEU B 102 4.31 38.23 8.40
C LEU B 102 5.50 37.83 7.55
N ASP B 103 6.71 38.19 7.97
CA ASP B 103 7.89 37.88 7.18
C ASP B 103 8.48 36.52 7.49
N SER B 104 7.87 35.76 8.40
CA SER B 104 8.35 34.40 8.68
C SER B 104 8.23 33.54 7.43
N PHE B 105 7.06 33.53 6.81
CA PHE B 105 6.84 32.79 5.58
C PHE B 105 7.52 33.46 4.40
N MET B 106 7.68 34.79 4.46
CA MET B 106 8.31 35.51 3.35
C MET B 106 9.81 35.28 3.31
N GLN B 107 10.43 34.98 4.45
CA GLN B 107 11.87 34.76 4.48
C GLN B 107 12.29 33.37 3.99
N HIS B 108 11.38 32.41 4.01
CA HIS B 108 11.72 31.03 3.72
C HIS B 108 11.08 30.56 2.43
N ASP B 109 11.52 29.38 1.98
CA ASP B 109 10.98 28.72 0.81
C ASP B 109 10.23 27.46 1.23
N VAL B 110 9.59 26.83 0.24
CA VAL B 110 8.80 25.63 0.52
C VAL B 110 9.69 24.50 1.01
N GLN B 111 10.91 24.41 0.50
CA GLN B 111 11.84 23.38 0.96
C GLN B 111 12.12 23.51 2.45
N GLU B 112 12.28 24.73 2.94
CA GLU B 112 12.67 24.92 4.34
C GLU B 112 11.50 24.60 5.28
N LEU B 113 10.29 25.02 4.91
CA LEU B 113 9.12 24.65 5.70
C LEU B 113 8.90 23.13 5.69
N CYS B 114 9.07 22.52 4.52
CA CYS B 114 8.94 21.06 4.43
C CYS B 114 9.99 20.37 5.28
N ARG B 115 11.22 20.89 5.28
CA ARG B 115 12.27 20.32 6.11
C ARG B 115 11.94 20.46 7.60
N VAL B 116 11.40 21.61 8.00
CA VAL B 116 11.01 21.78 9.40
C VAL B 116 9.96 20.74 9.79
N LEU B 117 8.90 20.63 8.99
CA LEU B 117 7.83 19.67 9.31
C LEU B 117 8.34 18.24 9.31
N LEU B 118 9.10 17.86 8.29
CA LEU B 118 9.55 16.48 8.16
C LEU B 118 10.60 16.13 9.21
N ASP B 119 11.46 17.08 9.59
CA ASP B 119 12.40 16.82 10.67
C ASP B 119 11.67 16.62 11.99
N ASN B 120 10.65 17.44 12.27
CA ASN B 120 9.86 17.22 13.47
C ASN B 120 9.21 15.84 13.45
N VAL B 121 8.63 15.48 12.32
CA VAL B 121 7.94 14.20 12.19
C VAL B 121 8.91 13.03 12.37
N GLU B 122 10.06 13.11 11.68
CA GLU B 122 11.06 12.05 11.74
C GLU B 122 11.62 11.90 13.15
N ASN B 123 11.89 13.02 13.83
CA ASN B 123 12.41 12.94 15.19
C ASN B 123 11.39 12.32 16.13
N LYS B 124 10.11 12.71 16.00
CA LYS B 124 9.11 12.12 16.88
C LYS B 124 8.90 10.64 16.58
N MET B 125 9.13 10.21 15.34
CA MET B 125 9.00 8.80 15.00
C MET B 125 10.19 7.97 15.45
N LYS B 126 11.29 8.60 15.86
CA LYS B 126 12.45 7.84 16.32
C LYS B 126 12.10 7.04 17.57
N GLY B 127 12.51 5.77 17.58
CA GLY B 127 12.17 4.89 18.67
C GLY B 127 10.73 4.44 18.69
N THR B 128 10.08 4.41 17.53
CA THR B 128 8.69 4.00 17.41
C THR B 128 8.60 2.90 16.35
N CYS B 129 7.40 2.34 16.20
CA CYS B 129 7.17 1.28 15.22
C CYS B 129 7.11 1.80 13.80
N VAL B 130 7.08 3.12 13.61
CA VAL B 130 7.00 3.73 12.29
C VAL B 130 8.28 4.51 11.97
N GLU B 131 9.38 4.16 12.65
CA GLU B 131 10.65 4.85 12.44
C GLU B 131 11.15 4.63 11.02
N GLY B 132 11.82 5.65 10.48
CA GLY B 132 12.42 5.56 9.17
C GLY B 132 11.50 5.87 8.02
N THR B 133 10.26 6.27 8.28
CA THR B 133 9.31 6.55 7.19
C THR B 133 9.79 7.72 6.35
N ILE B 134 10.21 8.80 7.00
CA ILE B 134 10.67 9.98 6.26
C ILE B 134 11.88 9.67 5.38
N PRO B 135 12.95 9.05 5.88
CA PRO B 135 14.05 8.67 4.96
C PRO B 135 13.62 7.67 3.90
N LYS B 136 12.72 6.74 4.25
CA LYS B 136 12.30 5.74 3.27
C LYS B 136 11.49 6.36 2.15
N LEU B 137 10.85 7.51 2.40
CA LEU B 137 10.02 8.15 1.38
C LEU B 137 10.73 9.26 0.62
N PHE B 138 11.62 10.02 1.27
CA PHE B 138 12.16 11.24 0.66
C PHE B 138 13.66 11.29 0.51
N ARG B 139 14.41 10.36 1.09
CA ARG B 139 15.87 10.42 1.06
C ARG B 139 16.43 9.77 -0.20
N GLY B 140 17.37 10.46 -0.85
CA GLY B 140 18.14 9.88 -1.92
C GLY B 140 19.62 10.15 -1.70
N LYS B 141 20.44 9.38 -2.43
CA LYS B 141 21.89 9.42 -2.30
C LYS B 141 22.54 10.03 -3.54
N MET B 142 23.58 10.83 -3.32
CA MET B 142 24.31 11.49 -4.39
C MET B 142 25.80 11.38 -4.10
N VAL B 143 26.59 11.47 -5.17
CA VAL B 143 28.05 11.48 -5.06
C VAL B 143 28.53 12.82 -5.60
N SER B 144 29.34 13.52 -4.79
CA SER B 144 30.00 14.74 -5.20
C SER B 144 31.47 14.42 -5.39
N TYR B 145 31.97 14.61 -6.61
CA TYR B 145 33.31 14.19 -6.97
C TYR B 145 34.15 15.38 -7.40
N ILE B 146 35.44 15.28 -7.09
CA ILE B 146 36.46 16.24 -7.51
C ILE B 146 37.62 15.43 -8.08
N GLN B 147 37.91 15.63 -9.36
CA GLN B 147 38.98 14.91 -10.04
C GLN B 147 39.92 15.91 -10.70
N CYS B 148 41.21 15.79 -10.40
CA CYS B 148 42.18 16.73 -10.95
C CYS B 148 42.55 16.35 -12.38
N LYS B 149 42.81 17.37 -13.19
CA LYS B 149 43.23 17.12 -14.56
C LYS B 149 44.73 16.85 -14.65
N GLU B 150 45.53 17.57 -13.86
CA GLU B 150 46.98 17.44 -13.93
C GLU B 150 47.46 16.20 -13.18
N VAL B 151 47.17 16.13 -11.89
CA VAL B 151 47.60 15.03 -11.05
C VAL B 151 46.48 14.02 -10.93
N ASP B 152 46.84 12.76 -10.65
CA ASP B 152 45.86 11.69 -10.56
C ASP B 152 45.37 11.60 -9.12
N TYR B 153 44.34 12.36 -8.79
CA TYR B 153 43.69 12.29 -7.49
C TYR B 153 42.19 12.50 -7.69
N ARG B 154 41.40 11.86 -6.83
CA ARG B 154 39.96 11.94 -6.92
C ARG B 154 39.37 11.80 -5.53
N SER B 155 38.49 12.74 -5.17
CA SER B 155 37.76 12.70 -3.91
C SER B 155 36.27 12.56 -4.19
N ASP B 156 35.65 11.57 -3.55
CA ASP B 156 34.24 11.26 -3.74
C ASP B 156 33.58 11.25 -2.38
N ARG B 157 32.67 12.19 -2.14
CA ARG B 157 31.91 12.22 -0.90
C ARG B 157 30.44 11.98 -1.20
N ARG B 158 29.80 11.09 -0.45
CA ARG B 158 28.41 10.75 -0.68
C ARG B 158 27.54 11.52 0.30
N GLU B 159 26.52 12.19 -0.23
CA GLU B 159 25.63 13.04 0.56
C GLU B 159 24.18 12.67 0.29
N ASP B 160 23.35 12.85 1.30
CA ASP B 160 21.93 12.56 1.20
C ASP B 160 21.13 13.83 0.94
N TYR B 161 20.02 13.69 0.24
CA TYR B 161 19.14 14.80 -0.08
C TYR B 161 17.69 14.38 0.16
N TYR B 162 16.86 15.35 0.50
CA TYR B 162 15.42 15.14 0.58
C TYR B 162 14.63 15.93 -0.45
N ASP B 163 15.29 16.84 -1.16
CA ASP B 163 14.66 17.65 -2.20
C ASP B 163 15.75 18.13 -3.15
N ILE B 164 15.33 18.42 -4.39
CA ILE B 164 16.26 18.85 -5.42
C ILE B 164 15.80 20.21 -5.95
N GLN B 165 16.70 21.19 -5.93
CA GLN B 165 16.40 22.54 -6.40
C GLN B 165 16.98 22.70 -7.80
N LEU B 166 16.11 22.65 -8.80
CA LEU B 166 16.50 22.73 -10.21
C LEU B 166 16.50 24.17 -10.69
N SER B 167 17.42 24.47 -11.61
CA SER B 167 17.53 25.79 -12.21
C SER B 167 16.62 25.88 -13.43
N ILE B 168 16.06 27.06 -13.65
CA ILE B 168 15.09 27.29 -14.71
C ILE B 168 15.63 28.23 -15.79
N LYS B 169 16.36 29.28 -15.38
CA LYS B 169 16.81 30.31 -16.31
C LYS B 169 17.64 29.73 -17.45
N GLY B 170 17.12 29.81 -18.67
CA GLY B 170 17.80 29.26 -19.83
C GLY B 170 17.53 27.80 -20.11
N LYS B 171 16.77 27.11 -19.26
CA LYS B 171 16.46 25.71 -19.43
C LYS B 171 15.06 25.56 -19.99
N LYS B 172 14.92 24.73 -21.03
CA LYS B 172 13.64 24.57 -21.70
C LYS B 172 12.68 23.69 -20.90
N ASN B 173 13.19 22.60 -20.33
CA ASN B 173 12.33 21.64 -19.64
C ASN B 173 13.12 21.00 -18.50
N ILE B 174 12.49 20.02 -17.85
CA ILE B 174 13.10 19.34 -16.71
C ILE B 174 14.37 18.59 -17.14
N PHE B 175 14.35 17.99 -18.34
CA PHE B 175 15.51 17.22 -18.78
C PHE B 175 16.75 18.10 -18.86
N GLU B 176 16.62 19.31 -19.41
CA GLU B 176 17.75 20.22 -19.46
C GLU B 176 18.17 20.65 -18.06
N SER B 177 17.22 20.83 -17.15
CA SER B 177 17.56 21.21 -15.79
C SER B 177 18.36 20.11 -15.09
N PHE B 178 17.97 18.85 -15.28
CA PHE B 178 18.73 17.74 -14.71
C PHE B 178 20.11 17.63 -15.35
N VAL B 179 20.19 17.85 -16.66
CA VAL B 179 21.50 17.85 -17.33
C VAL B 179 22.39 18.91 -16.73
N ASP B 180 21.85 20.12 -16.50
CA ASP B 180 22.61 21.18 -15.86
C ASP B 180 23.00 20.81 -14.43
N TYR B 181 22.14 20.06 -13.74
CA TYR B 181 22.44 19.70 -12.35
C TYR B 181 23.67 18.80 -12.27
N VAL B 182 23.80 17.85 -13.20
CA VAL B 182 24.91 16.90 -13.19
C VAL B 182 26.03 17.40 -14.08
N ALA B 183 25.98 18.66 -14.50
CA ALA B 183 27.00 19.20 -15.38
C ALA B 183 28.33 19.30 -14.66
N VAL B 184 29.41 19.09 -15.42
CA VAL B 184 30.76 19.17 -14.88
C VAL B 184 31.18 20.63 -14.80
N GLU B 185 31.73 21.02 -13.65
CA GLU B 185 32.22 22.38 -13.43
C GLU B 185 33.74 22.38 -13.39
N GLN B 186 34.35 23.29 -14.13
CA GLN B 186 35.80 23.34 -14.27
C GLN B 186 36.38 24.27 -13.20
N LEU B 187 37.25 23.73 -12.35
CA LEU B 187 37.94 24.49 -11.30
C LEU B 187 39.32 24.85 -11.83
N ASP B 188 39.43 26.03 -12.41
CA ASP B 188 40.65 26.57 -12.98
C ASP B 188 41.18 27.70 -12.09
N GLY B 189 42.20 28.39 -12.57
CA GLY B 189 42.87 29.45 -11.81
C GLY B 189 41.97 30.37 -11.02
N ASP B 190 42.40 30.73 -9.81
CA ASP B 190 41.68 31.58 -8.86
C ASP B 190 40.49 30.84 -8.26
N ASN B 191 40.23 29.62 -8.75
CA ASN B 191 39.25 28.73 -8.15
C ASN B 191 39.77 27.29 -8.15
N LYS B 192 41.09 27.13 -8.09
CA LYS B 192 41.69 25.82 -8.18
C LYS B 192 41.40 25.01 -6.91
N TYR B 193 41.54 23.70 -7.03
CA TYR B 193 41.23 22.79 -5.94
C TYR B 193 42.50 22.51 -5.13
N ASP B 194 42.39 22.64 -3.81
CA ASP B 194 43.50 22.33 -2.92
C ASP B 194 43.57 20.82 -2.77
N ALA B 195 44.49 20.19 -3.48
CA ALA B 195 44.69 18.75 -3.42
C ALA B 195 45.66 18.34 -2.32
N GLY B 196 46.00 19.26 -1.42
CA GLY B 196 46.86 18.93 -0.31
C GLY B 196 48.25 18.51 -0.77
N GLU B 197 48.51 17.21 -0.68
CA GLU B 197 49.80 16.66 -1.10
C GLU B 197 50.13 17.04 -2.54
N HIS B 198 49.12 17.13 -3.41
CA HIS B 198 49.34 17.52 -4.79
C HIS B 198 49.29 19.02 -5.02
N GLY B 199 49.02 19.81 -3.97
CA GLY B 199 48.99 21.26 -4.12
C GLY B 199 47.75 21.71 -4.85
N LEU B 200 47.69 23.03 -5.08
CA LEU B 200 46.61 23.60 -5.86
C LEU B 200 46.64 23.04 -7.28
N GLN B 201 45.48 22.57 -7.76
CA GLN B 201 45.40 21.89 -9.04
C GLN B 201 44.13 22.31 -9.76
N GLU B 202 44.20 22.31 -11.10
CA GLU B 202 43.01 22.46 -11.92
C GLU B 202 42.26 21.14 -11.91
N ALA B 203 40.94 21.21 -11.76
CA ALA B 203 40.17 20.00 -11.54
C ALA B 203 38.78 20.15 -12.14
N GLU B 204 37.97 19.11 -11.97
CA GLU B 204 36.56 19.13 -12.31
C GLU B 204 35.76 18.67 -11.10
N LYS B 205 34.68 19.39 -10.83
CA LYS B 205 33.79 19.10 -9.71
C LYS B 205 32.39 18.82 -10.26
N GLY B 206 31.76 17.78 -9.73
CA GLY B 206 30.44 17.43 -10.22
C GLY B 206 29.66 16.61 -9.22
N VAL B 207 28.41 16.33 -9.60
CA VAL B 207 27.48 15.56 -8.76
C VAL B 207 26.76 14.57 -9.65
N LYS B 208 26.66 13.32 -9.20
CA LYS B 208 25.93 12.29 -9.90
C LYS B 208 24.96 11.60 -8.93
N PHE B 209 23.85 11.11 -9.46
CA PHE B 209 22.79 10.55 -8.64
C PHE B 209 23.01 9.04 -8.45
N LEU B 210 23.00 8.61 -7.19
CA LEU B 210 23.06 7.19 -6.83
C LEU B 210 21.67 6.58 -6.76
N THR B 211 20.77 7.21 -6.00
CA THR B 211 19.42 6.72 -5.82
C THR B 211 18.44 7.88 -5.95
N LEU B 212 17.18 7.52 -6.22
CA LEU B 212 16.10 8.50 -6.30
C LEU B 212 14.99 8.04 -5.36
N PRO B 213 14.49 8.93 -4.50
CA PRO B 213 13.52 8.51 -3.48
C PRO B 213 12.20 8.11 -4.11
N PRO B 214 11.38 7.32 -3.40
CA PRO B 214 10.05 7.01 -3.93
C PRO B 214 9.21 8.24 -4.19
N VAL B 215 9.34 9.27 -3.35
CA VAL B 215 8.68 10.55 -3.54
C VAL B 215 9.75 11.60 -3.81
N LEU B 216 9.70 12.19 -4.99
CA LEU B 216 10.69 13.15 -5.44
C LEU B 216 10.12 14.56 -5.33
N HIS B 217 10.78 15.39 -4.52
CA HIS B 217 10.40 16.79 -4.32
C HIS B 217 11.35 17.67 -5.13
N LEU B 218 10.89 18.11 -6.30
CA LEU B 218 11.64 19.04 -7.14
C LEU B 218 11.11 20.44 -6.91
N GLN B 219 12.00 21.39 -6.67
CA GLN B 219 11.62 22.79 -6.55
C GLN B 219 12.29 23.60 -7.64
N LEU B 220 11.52 24.43 -8.32
CA LEU B 220 12.00 25.20 -9.46
C LEU B 220 12.49 26.57 -9.02
N MET B 221 13.46 27.10 -9.76
CA MET B 221 14.13 28.34 -9.40
C MET B 221 13.54 29.47 -10.24
N ARG B 222 12.52 30.13 -9.69
CA ARG B 222 11.77 31.15 -10.43
C ARG B 222 11.98 32.55 -9.89
N PHE B 223 13.00 32.78 -9.06
CA PHE B 223 13.24 34.11 -8.50
C PHE B 223 14.73 34.38 -8.44
N MET B 224 15.16 35.45 -9.11
CA MET B 224 16.57 35.84 -9.11
C MET B 224 16.69 37.30 -8.68
N TYR B 225 17.84 37.62 -8.07
CA TYR B 225 18.09 38.98 -7.60
C TYR B 225 18.32 39.93 -8.77
N ASP B 226 17.89 41.19 -8.58
CA ASP B 226 18.07 42.24 -9.58
C ASP B 226 18.89 43.36 -8.97
N PRO B 227 20.12 43.60 -9.44
CA PRO B 227 20.96 44.64 -8.83
C PRO B 227 20.46 46.05 -9.06
N GLN B 228 19.68 46.33 -10.10
CA GLN B 228 19.23 47.69 -10.37
C GLN B 228 17.93 48.02 -9.65
N THR B 229 17.45 47.15 -8.76
CA THR B 229 16.27 47.42 -7.96
C THR B 229 16.40 46.95 -6.52
N ASP B 230 17.39 46.14 -6.18
CA ASP B 230 17.60 45.57 -4.85
C ASP B 230 16.45 44.66 -4.42
N GLN B 231 15.70 44.11 -5.37
CA GLN B 231 14.66 43.14 -5.07
C GLN B 231 14.86 41.85 -5.85
N ASN B 232 14.14 40.83 -5.42
CA ASN B 232 14.11 39.53 -6.09
C ASN B 232 12.96 39.54 -7.10
N ILE B 233 13.29 39.44 -8.39
CA ILE B 233 12.29 39.44 -9.45
C ILE B 233 12.00 38.01 -9.88
N LYS B 234 10.74 37.76 -10.22
CA LYS B 234 10.28 36.43 -10.61
C LYS B 234 10.61 36.12 -12.05
N ILE B 235 11.06 34.89 -12.29
CA ILE B 235 11.38 34.41 -13.63
C ILE B 235 10.14 33.68 -14.14
N ASN B 236 9.29 34.41 -14.87
CA ASN B 236 8.07 33.85 -15.45
C ASN B 236 8.32 33.20 -16.81
N ASP B 237 9.56 32.84 -17.12
CA ASP B 237 9.88 32.23 -18.40
C ASP B 237 9.25 30.84 -18.51
N ARG B 238 9.09 30.39 -19.75
CA ARG B 238 8.47 29.10 -20.00
C ARG B 238 9.38 27.96 -19.53
N PHE B 239 8.79 26.98 -18.86
CA PHE B 239 9.52 25.81 -18.36
C PHE B 239 8.58 24.62 -18.37
N GLU B 240 8.95 23.58 -19.11
CA GLU B 240 8.09 22.43 -19.35
C GLU B 240 8.45 21.28 -18.42
N PHE B 241 7.42 20.60 -17.92
CA PHE B 241 7.61 19.37 -17.17
C PHE B 241 6.63 18.31 -17.67
N PRO B 242 7.08 17.07 -17.81
CA PRO B 242 6.22 16.02 -18.34
C PRO B 242 5.40 15.32 -17.27
N GLU B 243 4.29 14.72 -17.72
CA GLU B 243 3.50 13.89 -16.82
C GLU B 243 4.30 12.67 -16.35
N GLN B 244 5.03 12.04 -17.26
CA GLN B 244 5.88 10.90 -16.94
C GLN B 244 7.34 11.31 -17.12
N LEU B 245 8.14 11.09 -16.09
CA LEU B 245 9.54 11.56 -16.06
C LEU B 245 10.48 10.36 -16.00
N PRO B 246 11.15 10.01 -17.11
CA PRO B 246 12.17 8.96 -17.08
C PRO B 246 13.50 9.53 -16.61
N LEU B 247 13.96 9.08 -15.44
CA LEU B 247 15.20 9.57 -14.86
C LEU B 247 16.27 8.48 -14.74
N ASP B 248 16.08 7.34 -15.41
CA ASP B 248 17.05 6.25 -15.28
C ASP B 248 18.42 6.64 -15.83
N GLU B 249 18.46 7.49 -16.85
CA GLU B 249 19.72 7.88 -17.47
C GLU B 249 20.60 8.72 -16.55
N PHE B 250 20.04 9.34 -15.52
CA PHE B 250 20.80 10.17 -14.60
C PHE B 250 21.35 9.39 -13.41
N LEU B 251 21.21 8.07 -13.40
CA LEU B 251 21.72 7.23 -12.35
C LEU B 251 23.04 6.58 -12.77
N GLN B 252 23.94 6.40 -11.80
CA GLN B 252 25.22 5.77 -12.09
C GLN B 252 25.03 4.35 -12.60
N LYS B 253 24.19 3.58 -11.92
CA LYS B 253 23.86 2.23 -12.33
C LYS B 253 22.35 2.07 -12.27
N THR B 254 21.75 1.61 -13.37
CA THR B 254 20.30 1.44 -13.41
C THR B 254 19.94 0.05 -12.91
N ASP B 255 18.64 -0.24 -12.90
CA ASP B 255 18.17 -1.54 -12.41
C ASP B 255 16.87 -1.94 -13.09
N PRO B 256 16.87 -3.02 -13.86
CA PRO B 256 15.60 -3.54 -14.39
C PRO B 256 14.69 -4.00 -13.26
N LYS B 257 13.39 -4.02 -13.56
CA LYS B 257 12.29 -4.29 -12.64
C LYS B 257 12.07 -3.17 -11.63
N ASP B 258 12.89 -2.12 -11.65
CA ASP B 258 12.60 -0.89 -10.91
C ASP B 258 13.29 0.28 -11.60
N PRO B 259 12.87 0.61 -12.82
CA PRO B 259 13.44 1.77 -13.51
C PRO B 259 13.04 3.07 -12.82
N ALA B 260 13.86 4.10 -13.02
CA ALA B 260 13.60 5.40 -12.43
C ALA B 260 12.62 6.21 -13.29
N ASN B 261 11.43 5.65 -13.44
CA ASN B 261 10.32 6.31 -14.13
C ASN B 261 9.32 6.80 -13.09
N TYR B 262 8.98 8.09 -13.15
CA TYR B 262 8.17 8.73 -12.13
C TYR B 262 6.90 9.30 -12.73
N ILE B 263 5.83 9.27 -11.94
CA ILE B 263 4.52 9.78 -12.33
C ILE B 263 4.27 11.08 -11.58
N LEU B 264 3.89 12.13 -12.33
CA LEU B 264 3.62 13.42 -11.70
C LEU B 264 2.42 13.32 -10.78
N HIS B 265 2.58 13.82 -9.56
CA HIS B 265 1.55 13.74 -8.54
C HIS B 265 1.03 15.11 -8.10
N ALA B 266 1.93 16.05 -7.81
CA ALA B 266 1.52 17.36 -7.32
C ALA B 266 2.25 18.47 -8.06
N VAL B 267 1.56 19.60 -8.24
CA VAL B 267 2.11 20.79 -8.89
C VAL B 267 1.77 21.99 -8.01
N LEU B 268 2.76 22.52 -7.29
CA LEU B 268 2.60 23.71 -6.46
C LEU B 268 2.92 24.93 -7.31
N VAL B 269 1.92 25.82 -7.42
CA VAL B 269 1.89 26.91 -8.40
C VAL B 269 1.73 28.23 -7.65
N HIS B 270 2.41 29.28 -8.15
CA HIS B 270 2.35 30.61 -7.58
C HIS B 270 2.05 31.64 -8.66
N SER B 271 1.29 32.67 -8.30
CA SER B 271 0.98 33.76 -9.24
C SER B 271 1.58 35.08 -8.80
N GLY B 272 1.22 35.58 -7.61
CA GLY B 272 1.86 36.79 -7.11
C GLY B 272 0.99 38.03 -6.99
N ASP B 273 0.80 38.54 -5.78
CA ASP B 273 -0.01 39.73 -5.56
C ASP B 273 0.51 40.45 -4.32
N ASN B 274 -0.23 41.47 -3.87
CA ASN B 274 0.13 42.23 -2.69
C ASN B 274 -0.33 41.58 -1.39
N HIS B 275 -1.26 40.63 -1.46
CA HIS B 275 -1.79 39.96 -0.28
C HIS B 275 -0.93 38.78 0.16
N GLY B 276 0.35 38.78 -0.19
CA GLY B 276 1.23 37.66 0.06
C GLY B 276 1.40 36.73 -1.11
N GLY B 277 0.86 37.06 -2.28
CA GLY B 277 0.90 36.17 -3.43
C GLY B 277 -0.28 35.21 -3.45
N HIS B 278 -0.48 34.59 -4.60
CA HIS B 278 -1.53 33.60 -4.78
C HIS B 278 -0.90 32.24 -4.97
N TYR B 279 -1.23 31.30 -4.09
CA TYR B 279 -0.65 29.96 -4.08
C TYR B 279 -1.77 28.95 -4.31
N VAL B 280 -1.62 28.12 -5.34
CA VAL B 280 -2.63 27.12 -5.69
C VAL B 280 -1.90 25.80 -5.97
N VAL B 281 -2.51 24.68 -5.59
CA VAL B 281 -1.89 23.38 -5.82
C VAL B 281 -2.80 22.53 -6.68
N TYR B 282 -2.24 21.97 -7.75
CA TYR B 282 -2.94 21.03 -8.61
C TYR B 282 -2.51 19.62 -8.26
N LEU B 283 -3.47 18.74 -8.01
CA LEU B 283 -3.19 17.42 -7.47
C LEU B 283 -4.12 16.38 -8.06
N ASN B 284 -3.57 15.23 -8.43
CA ASN B 284 -4.37 14.03 -8.71
C ASN B 284 -4.07 13.05 -7.58
N PRO B 285 -4.86 13.07 -6.50
CA PRO B 285 -4.47 12.34 -5.28
C PRO B 285 -4.28 10.85 -5.48
N LYS B 286 -5.08 10.22 -6.33
CA LYS B 286 -5.02 8.78 -6.52
C LYS B 286 -4.03 8.36 -7.59
N GLY B 287 -3.30 9.31 -8.18
CA GLY B 287 -2.38 8.98 -9.25
C GLY B 287 -3.04 8.50 -10.52
N ASP B 288 -4.34 8.67 -10.66
CA ASP B 288 -5.10 8.18 -11.81
C ASP B 288 -5.24 9.21 -12.93
N GLY B 289 -4.69 10.40 -12.75
CA GLY B 289 -4.79 11.44 -13.75
C GLY B 289 -6.03 12.31 -13.66
N LYS B 290 -6.92 12.04 -12.71
CA LYS B 290 -8.09 12.90 -12.49
C LYS B 290 -7.66 14.06 -11.60
N TRP B 291 -7.30 15.18 -12.24
CA TRP B 291 -6.70 16.30 -11.54
C TRP B 291 -7.75 17.18 -10.87
N CYS B 292 -7.34 17.79 -9.76
CA CYS B 292 -8.15 18.72 -8.99
C CYS B 292 -7.31 19.95 -8.64
N LYS B 293 -7.99 21.09 -8.51
CA LYS B 293 -7.37 22.33 -8.10
C LYS B 293 -7.75 22.66 -6.67
N PHE B 294 -6.74 22.91 -5.84
CA PHE B 294 -6.88 23.30 -4.44
C PHE B 294 -6.43 24.76 -4.35
N ASP B 295 -7.40 25.66 -4.24
CA ASP B 295 -7.18 27.08 -4.01
C ASP B 295 -7.73 27.37 -2.62
N ASP B 296 -6.89 27.15 -1.61
CA ASP B 296 -7.26 27.30 -0.20
C ASP B 296 -8.56 26.56 0.11
N ASP B 297 -9.62 27.31 0.43
CA ASP B 297 -10.88 26.70 0.85
C ASP B 297 -11.71 26.18 -0.33
N VAL B 298 -11.31 26.45 -1.57
CA VAL B 298 -12.07 26.05 -2.74
C VAL B 298 -11.32 24.90 -3.41
N VAL B 299 -11.91 23.72 -3.40
CA VAL B 299 -11.36 22.54 -4.05
C VAL B 299 -12.32 22.13 -5.15
N SER B 300 -11.84 22.07 -6.38
CA SER B 300 -12.68 21.79 -7.53
C SER B 300 -11.97 20.81 -8.45
N ARG B 301 -12.71 20.24 -9.38
CA ARG B 301 -12.12 19.40 -10.41
C ARG B 301 -11.62 20.26 -11.57
N CYS B 302 -10.54 19.82 -12.19
CA CYS B 302 -9.93 20.58 -13.28
C CYS B 302 -9.31 19.61 -14.28
N THR B 303 -9.09 20.13 -15.49
CA THR B 303 -8.48 19.32 -16.53
C THR B 303 -6.99 19.13 -16.28
N LYS B 304 -6.43 18.12 -16.94
CA LYS B 304 -4.99 17.89 -16.87
C LYS B 304 -4.21 19.05 -17.49
N GLU B 305 -4.76 19.67 -18.53
CA GLU B 305 -4.05 20.75 -19.22
C GLU B 305 -3.80 21.95 -18.29
N GLU B 306 -4.81 22.36 -17.52
CA GLU B 306 -4.59 23.45 -16.58
C GLU B 306 -3.58 23.08 -15.50
N ALA B 307 -3.51 21.80 -15.15
CA ALA B 307 -2.60 21.38 -14.09
C ALA B 307 -1.16 21.28 -14.58
N ILE B 308 -0.95 20.95 -15.85
CA ILE B 308 0.39 20.69 -16.35
C ILE B 308 0.80 21.73 -17.40
N GLU B 309 0.07 21.78 -18.51
CA GLU B 309 0.46 22.65 -19.62
C GLU B 309 0.37 24.13 -19.23
N HIS B 310 -0.69 24.52 -18.54
CA HIS B 310 -0.95 25.92 -18.24
C HIS B 310 -0.09 26.49 -17.13
N ASN B 311 0.83 25.70 -16.58
CA ASN B 311 1.76 26.18 -15.56
C ASN B 311 3.20 26.18 -16.05
N TYR B 312 3.42 26.02 -17.35
CA TYR B 312 4.76 26.10 -17.91
C TYR B 312 5.30 27.53 -17.85
N GLY B 313 4.44 28.53 -18.02
CA GLY B 313 4.86 29.90 -18.13
C GLY B 313 4.95 30.36 -19.58
N GLY B 314 4.89 31.67 -19.77
CA GLY B 314 4.95 32.22 -21.11
C GLY B 314 4.65 33.71 -21.11
N HIS B 315 4.43 34.23 -22.31
CA HIS B 315 4.17 35.64 -22.50
C HIS B 315 3.10 35.87 -23.58
N HIS B 323 -1.60 32.04 -18.84
CA HIS B 323 -1.96 32.78 -17.65
C HIS B 323 -0.72 33.34 -16.95
N CYS B 324 -0.90 33.81 -15.71
CA CYS B 324 0.18 34.35 -14.91
C CYS B 324 0.62 33.40 -13.80
N THR B 325 -0.06 32.27 -13.66
CA THR B 325 0.17 31.33 -12.57
C THR B 325 1.04 30.18 -13.08
N ASN B 326 2.25 30.05 -12.53
CA ASN B 326 3.18 29.04 -13.01
C ASN B 326 3.79 28.29 -11.82
N ALA B 327 4.27 27.08 -12.11
CA ALA B 327 4.67 26.16 -11.06
C ALA B 327 6.05 26.51 -10.49
N TYR B 328 6.15 26.38 -9.16
CA TYR B 328 7.42 26.50 -8.47
C TYR B 328 7.87 25.20 -7.83
N MET B 329 6.96 24.27 -7.54
CA MET B 329 7.36 22.99 -6.99
C MET B 329 6.60 21.87 -7.68
N LEU B 330 7.29 20.75 -7.92
CA LEU B 330 6.70 19.55 -8.47
C LEU B 330 6.97 18.38 -7.55
N VAL B 331 5.98 17.50 -7.40
CA VAL B 331 6.12 16.29 -6.60
C VAL B 331 5.81 15.10 -7.49
N TYR B 332 6.80 14.23 -7.65
CA TYR B 332 6.70 13.02 -8.46
C TYR B 332 6.71 11.80 -7.54
N ILE B 333 6.05 10.73 -7.99
CA ILE B 333 6.06 9.47 -7.26
C ILE B 333 6.55 8.38 -8.20
N ARG B 334 7.45 7.54 -7.71
CA ARG B 334 7.99 6.47 -8.53
C ARG B 334 6.88 5.49 -8.91
N GLU B 335 6.87 5.10 -10.18
CA GLU B 335 5.79 4.27 -10.70
C GLU B 335 5.72 2.92 -9.99
N SER B 336 6.87 2.39 -9.57
CA SER B 336 6.91 1.11 -8.88
C SER B 336 6.49 1.22 -7.41
N LYS B 337 6.30 2.43 -6.90
CA LYS B 337 5.96 2.63 -5.50
C LYS B 337 4.59 3.26 -5.32
N LEU B 338 3.88 3.59 -6.41
CA LEU B 338 2.66 4.37 -6.33
C LEU B 338 1.66 3.74 -5.37
N SER B 339 1.36 2.47 -5.58
CA SER B 339 0.36 1.79 -4.76
C SER B 339 0.74 1.85 -3.29
N GLU B 340 2.03 1.69 -2.99
CA GLU B 340 2.46 1.76 -1.60
C GLU B 340 2.41 3.19 -1.07
N VAL B 341 2.79 4.16 -1.91
CA VAL B 341 2.78 5.55 -1.46
C VAL B 341 1.35 6.05 -1.28
N LEU B 342 0.44 5.60 -2.15
CA LEU B 342 -0.95 6.06 -2.17
C LEU B 342 -1.90 5.03 -1.57
N GLN B 343 -1.51 4.39 -0.46
CA GLN B 343 -2.39 3.46 0.24
C GLN B 343 -3.71 4.13 0.58
N ALA B 344 -4.81 3.39 0.42
CA ALA B 344 -6.10 3.87 0.89
C ALA B 344 -6.07 4.02 2.40
N VAL B 345 -6.59 5.14 2.89
CA VAL B 345 -6.59 5.45 4.31
C VAL B 345 -8.03 5.49 4.81
N THR B 346 -8.34 4.61 5.76
CA THR B 346 -9.66 4.54 6.38
C THR B 346 -9.62 5.21 7.75
N ASP B 347 -10.80 5.44 8.31
CA ASP B 347 -10.92 6.12 9.60
C ASP B 347 -10.45 5.28 10.78
N HIS B 348 -10.06 4.03 10.56
CA HIS B 348 -9.50 3.22 11.65
C HIS B 348 -7.99 3.37 11.78
N ASP B 349 -7.31 3.85 10.73
CA ASP B 349 -5.86 4.03 10.83
C ASP B 349 -5.50 5.07 11.89
N ILE B 350 -6.43 5.95 12.24
CA ILE B 350 -6.22 6.93 13.31
C ILE B 350 -6.50 6.25 14.64
N PRO B 351 -5.54 6.20 15.56
CA PRO B 351 -5.77 5.56 16.86
C PRO B 351 -6.87 6.25 17.64
N GLN B 352 -7.64 5.45 18.39
CA GLN B 352 -8.77 5.99 19.14
C GLN B 352 -8.34 7.00 20.20
N GLN B 353 -7.14 6.86 20.75
CA GLN B 353 -6.66 7.87 21.70
C GLN B 353 -6.53 9.22 21.02
N LEU B 354 -5.92 9.25 19.83
CA LEU B 354 -5.80 10.48 19.07
C LEU B 354 -7.17 11.02 18.66
N VAL B 355 -8.08 10.13 18.24
CA VAL B 355 -9.42 10.56 17.84
C VAL B 355 -10.13 11.21 19.03
N GLU B 356 -10.05 10.58 20.20
CA GLU B 356 -10.68 11.13 21.39
C GLU B 356 -10.09 12.49 21.75
N ARG B 357 -8.77 12.62 21.67
CA ARG B 357 -8.14 13.90 22.01
C ARG B 357 -8.57 15.01 21.05
N LEU B 358 -8.59 14.71 19.75
CA LEU B 358 -9.00 15.71 18.76
C LEU B 358 -10.46 16.09 18.94
N GLN B 359 -11.34 15.11 19.18
CA GLN B 359 -12.75 15.41 19.40
C GLN B 359 -12.93 16.26 20.67
N GLU B 360 -12.17 15.95 21.72
CA GLU B 360 -12.21 16.75 22.94
C GLU B 360 -11.79 18.19 22.67
N GLU B 361 -10.72 18.39 21.88
CA GLU B 361 -10.30 19.73 21.54
C GLU B 361 -11.39 20.47 20.77
N LYS B 362 -12.05 19.77 19.85
CA LYS B 362 -13.16 20.38 19.12
C LYS B 362 -14.28 20.79 20.07
N ARG B 363 -14.57 19.94 21.06
CA ARG B 363 -15.58 20.28 22.06
C ARG B 363 -15.19 21.54 22.83
N ILE B 364 -13.93 21.59 23.29
CA ILE B 364 -13.48 22.73 24.09
C ILE B 364 -13.57 24.02 23.28
N GLU B 365 -13.17 23.98 22.01
CA GLU B 365 -13.31 25.15 21.16
C GLU B 365 -14.78 25.53 20.97
N ALA B 366 -15.65 24.53 20.83
CA ALA B 366 -17.07 24.81 20.65
C ALA B 366 -17.68 25.43 21.89
N GLN B 367 -17.24 25.02 23.08
CA GLN B 367 -17.80 25.54 24.33
C GLN B 367 -17.24 26.93 24.65
N LYS B 368 -17.37 27.86 23.72
CA LYS B 368 -16.83 29.20 23.90
C LYS B 368 -17.41 30.17 22.87
N PHE C 2 19.65 32.55 -5.81
CA PHE C 2 18.34 32.20 -6.35
C PHE C 2 17.35 31.79 -5.28
N ARG C 3 16.07 31.98 -5.58
CA ARG C 3 15.00 31.61 -4.66
C ARG C 3 13.87 31.01 -5.46
N VAL C 4 13.11 30.13 -4.81
CA VAL C 4 12.01 29.43 -5.47
C VAL C 4 10.68 30.17 -5.29
N ASN C 5 10.43 30.73 -4.12
CA ASN C 5 9.21 31.48 -3.85
C ASN C 5 9.52 32.97 -3.81
N ALA C 6 8.49 33.77 -3.58
CA ALA C 6 8.68 35.21 -3.46
C ALA C 6 9.22 35.56 -2.08
N GLY C 7 9.65 36.82 -1.94
CA GLY C 7 10.21 37.29 -0.70
C GLY C 7 11.49 38.07 -0.90
N PRO C 8 12.15 38.41 0.21
CA PRO C 8 13.38 39.22 0.13
C PRO C 8 14.52 38.44 -0.51
N PRO C 9 15.51 39.13 -1.05
CA PRO C 9 16.66 38.45 -1.65
C PRO C 9 17.46 37.66 -0.62
N ARG C 10 18.05 36.56 -1.08
CA ARG C 10 18.98 35.78 -0.29
C ARG C 10 20.38 35.74 -0.87
N CYS C 11 20.56 36.19 -2.11
CA CYS C 11 21.88 36.29 -2.72
C CYS C 11 22.68 37.41 -2.05
N PHE D 2 -21.12 -32.29 4.68
CA PHE D 2 -20.41 -31.70 3.54
C PHE D 2 -18.95 -31.37 3.83
N ARG D 3 -18.09 -31.53 2.83
CA ARG D 3 -16.67 -31.26 2.97
C ARG D 3 -16.15 -30.66 1.66
N VAL D 4 -15.06 -29.89 1.77
CA VAL D 4 -14.50 -29.23 0.60
C VAL D 4 -13.45 -30.09 -0.09
N ASN D 5 -12.56 -30.76 0.67
CA ASN D 5 -11.54 -31.61 0.10
C ASN D 5 -11.88 -33.08 0.34
N ALA D 6 -11.00 -33.95 -0.19
CA ALA D 6 -11.14 -35.39 0.01
C ALA D 6 -10.62 -35.80 1.38
N GLY D 7 -10.89 -37.04 1.74
CA GLY D 7 -10.46 -37.57 3.02
C GLY D 7 -11.56 -38.33 3.75
N PRO D 8 -11.31 -38.67 5.00
CA PRO D 8 -12.29 -39.44 5.78
C PRO D 8 -13.52 -38.60 6.06
N PRO D 9 -14.66 -39.24 6.36
CA PRO D 9 -15.88 -38.47 6.62
C PRO D 9 -15.76 -37.60 7.86
N ARG D 10 -16.33 -36.40 7.78
CA ARG D 10 -16.47 -35.50 8.93
C ARG D 10 -17.94 -35.11 9.05
N CYS D 11 -18.74 -35.98 9.65
CA CYS D 11 -20.16 -35.72 9.93
C CYS D 11 -20.70 -36.74 10.91
#